data_5ILN
#
_entry.id   5ILN
#
_cell.length_a   86.450
_cell.length_b   107.290
_cell.length_c   87.320
_cell.angle_alpha   90.00
_cell.angle_beta   117.46
_cell.angle_gamma   90.00
#
_symmetry.space_group_name_H-M   'P 1 21 1'
#
loop_
_entity.id
_entity.type
_entity.pdbx_description
1 polymer 'Aspartate carbamoyltransferase'
2 non-polymer GLYCEROL
3 non-polymer 'PHOSPHATE ION'
4 non-polymer 'CITRATE ANION'
5 water water
#
_entity_poly.entity_id   1
_entity_poly.type   'polypeptide(L)'
_entity_poly.pdbx_seq_one_letter_code
;MIEIFCTAIVVITILIVGVFVYMIIRTKKKKLKLDNMFYINSKYKIDLDKIMTKMKNKSVINIDDVDDEELLAILYTSKQ
FEKILKNNEDSKYLENKVFCSVFLEPSTRTR(CSO)SFDAAILKLGSKVLNITDMNSTSFYKGETVEDAFKILSTYVDGI
IYRDPSKKNVDIAVSSSSKPIINAGNGTGEHPTQSLLDFYTIHNYFPFILDRNINKKLNIAFVGDLKNGRTVHSLSKLLS
RYNVSFNFVS(CSO)KSLNIPKDIVNTITYNLKKNNFYSDDSIKYFDNLEEGLEDVHIIYMTRIQKERFTDVDEYNQYKN
AFILSNKTLENTRDDTKILHPLPRVNEIKVEVDSNPKSVYFTQAENGLYVRMALLYLIFSSTSSAWSHPQFEK
;
_entity_poly.pdbx_strand_id   A,B,C
#
loop_
_chem_comp.id
_chem_comp.type
_chem_comp.name
_chem_comp.formula
FLC non-polymer 'CITRATE ANION' 'C6 H5 O7 -3'
GOL non-polymer GLYCEROL 'C3 H8 O3'
PO4 non-polymer 'PHOSPHATE ION' 'O4 P -3'
#
# COMPACT_ATOMS: atom_id res chain seq x y z
N LYS A 30 -6.63 24.77 6.93
CA LYS A 30 -5.55 25.58 6.23
C LYS A 30 -4.32 25.93 7.13
N LYS A 31 -4.50 26.85 8.10
CA LYS A 31 -3.41 27.38 8.98
C LYS A 31 -3.60 27.01 10.49
N LEU A 32 -2.68 26.26 11.04
CA LEU A 32 -2.81 25.76 12.40
C LEU A 32 -2.58 26.86 13.44
N LYS A 33 -3.51 27.04 14.39
CA LYS A 33 -3.42 28.02 15.49
C LYS A 33 -3.11 27.34 16.81
N LEU A 34 -1.98 27.64 17.41
CA LEU A 34 -1.73 27.11 18.78
C LEU A 34 -2.59 27.79 19.89
N ASP A 35 -3.30 27.02 20.71
CA ASP A 35 -4.07 27.61 21.78
C ASP A 35 -3.09 28.37 22.65
N ASN A 36 -3.54 29.48 23.20
CA ASN A 36 -2.71 30.12 24.25
C ASN A 36 -1.30 30.47 23.83
N MET A 37 -1.15 30.84 22.56
CA MET A 37 0.10 31.33 21.93
C MET A 37 0.74 32.48 22.77
N PHE A 38 -0.10 33.41 23.22
CA PHE A 38 0.29 34.56 24.02
C PHE A 38 1.09 34.11 25.23
N TYR A 39 0.62 33.05 25.93
CA TYR A 39 1.25 32.66 27.23
C TYR A 39 2.51 31.94 26.97
N ILE A 40 2.54 31.14 25.89
CA ILE A 40 3.75 30.38 25.65
C ILE A 40 4.90 31.33 25.13
N ASN A 41 4.57 32.27 24.24
CA ASN A 41 5.52 33.30 23.85
C ASN A 41 5.98 34.19 25.03
N SER A 42 5.13 34.49 26.03
CA SER A 42 5.64 35.32 27.14
C SER A 42 6.49 34.48 28.12
N LYS A 43 6.12 33.24 28.36
CA LYS A 43 6.88 32.38 29.27
C LYS A 43 8.34 32.12 28.74
N TYR A 44 8.45 31.53 27.55
CA TYR A 44 9.79 31.25 26.90
C TYR A 44 9.89 32.53 26.21
N LYS A 45 11.01 33.03 25.84
CA LYS A 45 10.88 34.46 25.46
C LYS A 45 10.98 34.50 23.96
N ILE A 46 9.92 34.04 23.26
CA ILE A 46 10.02 33.65 21.84
C ILE A 46 8.85 34.16 21.01
N ASP A 47 8.93 34.01 19.70
CA ASP A 47 7.83 34.23 18.72
C ASP A 47 7.60 32.86 17.95
N LEU A 48 6.54 32.14 18.38
CA LEU A 48 6.34 30.75 18.00
C LEU A 48 5.91 30.73 16.55
N ASP A 49 5.10 31.69 16.13
CA ASP A 49 4.74 31.83 14.71
C ASP A 49 5.92 31.89 13.74
N LYS A 50 7.00 32.59 14.13
CA LYS A 50 8.16 32.76 13.25
C LYS A 50 9.12 31.60 13.36
N ILE A 51 9.26 31.02 14.52
CA ILE A 51 9.98 29.78 14.61
C ILE A 51 9.40 28.69 13.64
N MET A 52 8.07 28.60 13.60
CA MET A 52 7.35 27.59 12.90
C MET A 52 7.51 27.77 11.35
N THR A 53 7.28 29.02 10.92
CA THR A 53 7.56 29.46 9.57
C THR A 53 8.98 29.03 9.13
N LYS A 54 10.00 29.20 9.99
CA LYS A 54 11.38 28.94 9.59
C LYS A 54 11.73 27.47 9.48
N MET A 55 10.84 26.61 10.00
CA MET A 55 11.06 25.17 9.90
C MET A 55 10.67 24.56 8.53
N LYS A 56 10.02 25.35 7.66
CA LYS A 56 9.63 24.88 6.33
C LYS A 56 10.90 24.35 5.62
N ASN A 57 10.86 23.08 5.16
CA ASN A 57 11.88 22.43 4.33
C ASN A 57 13.05 21.92 5.06
N LYS A 58 12.99 21.97 6.35
CA LYS A 58 14.05 21.37 7.12
C LYS A 58 14.02 19.84 7.03
N SER A 59 15.22 19.27 6.97
CA SER A 59 15.35 17.83 7.11
C SER A 59 15.74 17.57 8.49
N VAL A 60 15.23 16.46 9.03
CA VAL A 60 15.44 16.12 10.44
C VAL A 60 16.01 14.77 10.49
N ILE A 61 17.33 14.69 10.63
CA ILE A 61 18.08 13.41 10.56
C ILE A 61 18.60 13.04 11.93
N ASN A 62 19.15 14.00 12.63
CA ASN A 62 19.71 13.76 14.02
C ASN A 62 19.05 14.63 15.02
N ILE A 63 19.01 14.22 16.26
CA ILE A 63 18.34 15.10 17.21
C ILE A 63 19.03 16.49 17.29
N ASP A 64 20.35 16.54 17.00
CA ASP A 64 21.05 17.87 16.95
C ASP A 64 20.58 18.81 15.85
N ASP A 65 19.86 18.30 14.86
CA ASP A 65 19.18 19.19 13.94
C ASP A 65 18.06 20.02 14.60
N VAL A 66 17.71 19.68 15.83
CA VAL A 66 16.59 20.39 16.48
C VAL A 66 17.17 21.28 17.59
N ASP A 67 17.05 22.59 17.41
CA ASP A 67 17.49 23.50 18.42
C ASP A 67 16.36 23.71 19.48
N ASP A 68 16.64 24.63 20.39
CA ASP A 68 15.85 24.90 21.60
C ASP A 68 14.51 25.46 21.12
N GLU A 69 14.53 26.38 20.17
CA GLU A 69 13.31 27.01 19.75
C GLU A 69 12.51 26.06 18.86
N GLU A 70 13.17 25.24 18.07
CA GLU A 70 12.47 24.25 17.23
C GLU A 70 11.74 23.16 18.08
N LEU A 71 12.36 22.74 19.17
CA LEU A 71 11.80 21.85 20.06
C LEU A 71 10.49 22.40 20.71
N LEU A 72 10.47 23.63 21.18
CA LEU A 72 9.23 24.24 21.68
C LEU A 72 8.16 24.23 20.65
N ALA A 73 8.51 24.62 19.46
CA ALA A 73 7.51 24.61 18.39
C ALA A 73 6.97 23.20 18.12
N ILE A 74 7.85 22.22 18.07
CA ILE A 74 7.47 20.84 17.89
C ILE A 74 6.52 20.38 18.97
N LEU A 75 6.85 20.76 20.23
CA LEU A 75 6.15 20.34 21.36
C LEU A 75 4.75 20.93 21.42
N TYR A 76 4.64 22.23 21.19
CA TYR A 76 3.32 22.90 21.19
C TYR A 76 2.46 22.62 19.95
N THR A 77 3.08 22.42 18.80
CA THR A 77 2.36 21.99 17.61
C THR A 77 1.83 20.51 17.88
N SER A 78 2.62 19.65 18.52
CA SER A 78 2.13 18.33 18.83
C SER A 78 0.91 18.42 19.78
N LYS A 79 0.95 19.28 20.83
CA LYS A 79 -0.16 19.36 21.82
C LYS A 79 -1.34 19.76 21.09
N GLN A 80 -1.16 20.71 20.19
CA GLN A 80 -2.31 21.16 19.45
C GLN A 80 -3.04 20.09 18.67
N PHE A 81 -2.28 19.22 18.01
CA PHE A 81 -2.82 18.09 17.28
C PHE A 81 -3.42 17.09 18.24
N GLU A 82 -2.81 16.95 19.41
CA GLU A 82 -3.35 16.07 20.40
C GLU A 82 -4.71 16.66 20.84
N LYS A 83 -4.83 17.98 21.02
CA LYS A 83 -6.15 18.58 21.42
C LYS A 83 -7.17 18.34 20.34
N ILE A 84 -6.76 18.58 19.13
CA ILE A 84 -7.64 18.47 17.98
C ILE A 84 -8.22 17.09 17.89
N LEU A 85 -7.38 16.09 17.92
CA LEU A 85 -7.85 14.72 17.64
C LEU A 85 -8.79 14.21 18.75
N LYS A 86 -8.46 14.55 20.00
CA LYS A 86 -9.27 14.28 21.11
C LYS A 86 -10.57 15.03 21.21
N ASN A 87 -10.71 16.23 20.69
CA ASN A 87 -12.05 16.80 20.59
C ASN A 87 -12.67 16.58 19.25
N ASN A 88 -12.33 15.46 18.58
CA ASN A 88 -12.85 15.06 17.22
C ASN A 88 -12.98 16.19 16.21
N GLU A 89 -11.99 17.09 16.23
CA GLU A 89 -11.95 18.22 15.34
C GLU A 89 -11.18 17.83 14.05
N ASP A 90 -11.25 18.73 13.09
CA ASP A 90 -10.62 18.59 11.82
C ASP A 90 -9.07 18.78 11.94
N SER A 91 -8.33 17.78 11.49
CA SER A 91 -6.89 17.73 11.61
C SER A 91 -6.22 17.77 10.26
N LYS A 92 -6.97 18.13 9.23
CA LYS A 92 -6.48 18.13 7.88
C LYS A 92 -5.69 19.39 7.55
N TYR A 93 -4.53 19.55 8.17
CA TYR A 93 -3.72 20.76 8.00
C TYR A 93 -2.66 20.65 6.97
N LEU A 94 -2.61 19.55 6.27
CA LEU A 94 -1.58 19.37 5.30
C LEU A 94 -2.11 18.53 4.20
N GLU A 95 -3.05 19.10 3.43
CA GLU A 95 -3.76 18.43 2.29
C GLU A 95 -2.98 18.53 1.03
N ASN A 96 -3.31 17.59 0.16
CA ASN A 96 -2.66 17.60 -1.14
C ASN A 96 -1.10 17.47 -1.13
N LYS A 97 -0.42 17.10 -0.04
CA LYS A 97 0.96 16.63 -0.15
C LYS A 97 1.04 15.12 -0.45
N VAL A 98 2.13 14.70 -1.07
CA VAL A 98 2.38 13.30 -1.25
C VAL A 98 3.74 13.03 -0.71
N PHE A 99 3.82 11.94 0.02
CA PHE A 99 5.04 11.53 0.64
C PHE A 99 5.38 10.12 0.17
N CYS A 100 6.68 9.87 0.19
CA CYS A 100 7.15 8.50 -0.03
C CYS A 100 7.67 8.11 1.29
N SER A 101 7.31 6.94 1.76
CA SER A 101 7.83 6.38 3.00
C SER A 101 8.71 5.17 2.64
N VAL A 102 10.01 5.29 2.83
CA VAL A 102 10.89 4.19 2.45
C VAL A 102 11.39 3.43 3.64
N PHE A 103 10.89 2.21 3.86
CA PHE A 103 11.31 1.46 5.06
C PHE A 103 12.02 0.19 4.56
N LEU A 104 13.34 0.16 4.66
CA LEU A 104 14.19 -0.97 4.17
C LEU A 104 14.66 -1.88 5.28
N GLU A 105 14.18 -1.61 6.50
CA GLU A 105 14.13 -2.55 7.62
C GLU A 105 12.67 -2.95 7.65
N PRO A 106 12.36 -4.09 8.27
CA PRO A 106 10.96 -4.21 8.68
C PRO A 106 10.77 -3.33 9.95
N SER A 107 9.57 -2.75 10.10
CA SER A 107 9.08 -2.02 11.30
C SER A 107 7.51 -2.24 11.39
N THR A 108 6.93 -1.76 12.48
CA THR A 108 5.50 -1.85 12.81
C THR A 108 5.14 -0.48 13.29
N ARG A 109 5.46 -0.16 14.53
CA ARG A 109 4.98 1.07 15.12
C ARG A 109 5.44 2.43 14.52
N THR A 110 6.68 2.55 13.99
CA THR A 110 7.15 3.86 13.47
C THR A 110 6.56 4.03 12.09
N ARG A 111 6.69 3.02 11.27
CA ARG A 111 6.11 3.04 9.94
C ARG A 111 4.59 3.41 9.92
N CSO A 112 3.81 2.67 10.74
CA CSO A 112 2.38 2.83 10.84
CB CSO A 112 1.72 1.65 11.64
SG CSO A 112 1.79 0.12 10.61
C CSO A 112 2.11 4.19 11.38
O CSO A 112 1.18 4.92 10.92
OD CSO A 112 0.89 0.07 9.04
N SER A 113 2.92 4.56 12.39
CA SER A 113 2.70 5.83 13.08
C SER A 113 2.82 7.02 12.09
N PHE A 114 3.91 7.02 11.32
CA PHE A 114 4.13 8.03 10.32
C PHE A 114 3.03 8.00 9.26
N ASP A 115 2.60 6.81 8.79
CA ASP A 115 1.51 6.77 7.72
C ASP A 115 0.21 7.28 8.29
N ALA A 116 0.01 7.00 9.57
CA ALA A 116 -1.26 7.51 10.19
C ALA A 116 -1.25 9.01 10.30
N ALA A 117 -0.08 9.55 10.57
CA ALA A 117 0.07 10.99 10.73
C ALA A 117 -0.16 11.70 9.39
N ILE A 118 0.47 11.18 8.38
CA ILE A 118 0.23 11.63 7.01
C ILE A 118 -1.26 11.63 6.60
N LEU A 119 -1.88 10.48 6.82
CA LEU A 119 -3.28 10.31 6.43
C LEU A 119 -4.17 11.22 7.28
N LYS A 120 -3.93 11.35 8.57
CA LYS A 120 -4.81 12.23 9.38
C LYS A 120 -4.58 13.70 9.03
N LEU A 121 -3.41 14.07 8.46
CA LEU A 121 -3.25 15.43 8.04
C LEU A 121 -3.97 15.71 6.73
N GLY A 122 -4.54 14.68 6.12
CA GLY A 122 -5.18 14.80 4.80
C GLY A 122 -4.20 14.69 3.62
N SER A 123 -2.99 14.15 3.81
CA SER A 123 -2.04 13.91 2.71
C SER A 123 -2.03 12.42 2.31
N LYS A 124 -1.21 12.06 1.34
CA LYS A 124 -1.22 10.77 0.76
C LYS A 124 0.17 10.24 0.85
N VAL A 125 0.27 8.92 0.87
CA VAL A 125 1.56 8.27 1.01
C VAL A 125 1.82 7.08 0.08
N LEU A 126 3.01 7.06 -0.52
CA LEU A 126 3.49 5.92 -1.27
C LEU A 126 4.50 5.17 -0.40
N ASN A 127 4.39 3.86 -0.26
CA ASN A 127 5.17 3.01 0.68
C ASN A 127 6.11 2.07 -0.01
N ILE A 128 7.36 2.02 0.42
CA ILE A 128 8.27 0.97 0.11
C ILE A 128 8.56 0.35 1.45
N THR A 129 8.34 -0.97 1.55
CA THR A 129 8.58 -1.68 2.80
C THR A 129 9.56 -2.79 2.62
N ASP A 130 10.16 -2.96 1.46
CA ASP A 130 11.48 -3.61 1.38
C ASP A 130 12.13 -3.58 0.05
N MET A 131 13.45 -3.63 0.15
CA MET A 131 14.46 -3.67 -0.88
C MET A 131 14.04 -4.57 -2.10
N ASN A 132 13.49 -5.74 -1.87
CA ASN A 132 13.22 -6.72 -2.96
C ASN A 132 12.16 -6.43 -4.00
N SER A 133 11.19 -5.56 -3.66
CA SER A 133 10.11 -5.14 -4.52
C SER A 133 10.49 -3.92 -5.38
N THR A 134 11.71 -3.52 -5.24
CA THR A 134 12.27 -2.26 -5.63
C THR A 134 13.48 -2.53 -6.61
N SER A 135 13.85 -1.50 -7.38
CA SER A 135 15.02 -1.57 -8.27
C SER A 135 16.37 -1.64 -7.53
N PHE A 136 16.39 -1.37 -6.21
CA PHE A 136 17.56 -1.85 -5.39
C PHE A 136 17.88 -3.31 -5.71
N TYR A 137 16.85 -4.17 -5.87
CA TYR A 137 17.04 -5.59 -6.17
C TYR A 137 18.03 -5.86 -7.26
N LYS A 138 18.08 -4.97 -8.24
CA LYS A 138 18.93 -5.09 -9.45
C LYS A 138 20.25 -4.31 -9.31
N GLY A 139 20.46 -3.70 -8.13
CA GLY A 139 21.69 -2.97 -7.77
C GLY A 139 21.69 -1.48 -7.94
N GLU A 140 20.51 -0.83 -8.03
CA GLU A 140 20.50 0.62 -8.16
C GLU A 140 21.13 1.21 -6.92
N THR A 141 21.89 2.31 -7.04
CA THR A 141 22.45 3.01 -5.93
C THR A 141 21.38 3.82 -5.16
N VAL A 142 21.70 4.12 -3.91
CA VAL A 142 20.90 5.01 -3.11
C VAL A 142 20.83 6.40 -3.70
N GLU A 143 21.96 6.89 -4.19
CA GLU A 143 22.05 8.24 -4.77
C GLU A 143 21.01 8.43 -5.91
N ASP A 144 20.94 7.45 -6.79
CA ASP A 144 20.11 7.45 -8.00
C ASP A 144 18.68 7.34 -7.55
N ALA A 145 18.39 6.33 -6.78
CA ALA A 145 17.01 6.06 -6.36
C ALA A 145 16.39 7.27 -5.69
N PHE A 146 17.13 7.97 -4.83
CA PHE A 146 16.60 9.17 -4.16
C PHE A 146 16.51 10.43 -5.04
N LYS A 147 17.44 10.56 -5.96
CA LYS A 147 17.41 11.68 -6.90
C LYS A 147 16.06 11.67 -7.66
N ILE A 148 15.68 10.50 -8.04
CA ILE A 148 14.43 10.21 -8.77
C ILE A 148 13.13 10.29 -7.90
N LEU A 149 13.10 9.57 -6.78
CA LEU A 149 11.97 9.58 -5.85
C LEU A 149 11.60 10.99 -5.41
N SER A 150 12.60 11.81 -5.13
CA SER A 150 12.44 13.21 -4.88
C SER A 150 11.61 13.93 -5.88
N THR A 151 11.69 13.53 -7.13
CA THR A 151 10.89 14.27 -8.15
C THR A 151 9.39 13.84 -8.19
N TYR A 152 9.04 12.69 -7.65
CA TYR A 152 7.67 12.30 -7.65
C TYR A 152 6.81 12.83 -6.49
N VAL A 153 7.48 13.23 -5.39
CA VAL A 153 6.87 13.56 -4.12
C VAL A 153 7.38 14.83 -3.43
N ASP A 154 6.64 15.31 -2.41
CA ASP A 154 6.98 16.52 -1.63
C ASP A 154 7.94 16.26 -0.47
N GLY A 155 7.97 15.01 -0.01
CA GLY A 155 8.93 14.58 1.02
C GLY A 155 9.04 13.11 1.28
N ILE A 156 10.01 12.77 2.10
CA ILE A 156 10.43 11.38 2.19
C ILE A 156 10.69 11.03 3.61
N ILE A 157 10.15 9.88 4.04
CA ILE A 157 10.45 9.37 5.37
C ILE A 157 11.26 8.16 5.14
N TYR A 158 12.40 8.03 5.77
CA TYR A 158 13.31 6.96 5.37
C TYR A 158 13.86 6.21 6.55
N ARG A 159 13.67 4.90 6.57
CA ARG A 159 14.32 4.08 7.61
C ARG A 159 15.19 3.06 6.90
N ASP A 160 16.38 2.80 7.46
CA ASP A 160 17.43 1.99 6.79
C ASP A 160 18.45 1.54 7.79
N PRO A 161 18.63 0.19 7.98
CA PRO A 161 19.61 -0.22 9.00
C PRO A 161 21.05 0.16 8.65
N SER A 162 21.33 0.65 7.43
CA SER A 162 22.63 1.19 7.14
C SER A 162 23.02 2.36 8.01
N LYS A 163 24.34 2.53 8.17
CA LYS A 163 24.92 3.65 8.91
C LYS A 163 24.83 4.98 8.09
N LYS A 164 25.09 4.92 6.80
CA LYS A 164 25.25 6.11 5.98
C LYS A 164 24.28 6.28 4.78
N ASN A 165 23.46 5.30 4.46
CA ASN A 165 22.47 5.51 3.39
C ASN A 165 21.59 6.73 3.55
N VAL A 166 21.17 6.98 4.80
CA VAL A 166 20.38 8.16 5.10
C VAL A 166 21.04 9.47 4.75
N ASP A 167 22.31 9.61 5.11
CA ASP A 167 23.03 10.85 4.72
C ASP A 167 23.19 10.97 3.20
N ILE A 168 23.49 9.88 2.54
CA ILE A 168 23.49 9.87 1.05
C ILE A 168 22.14 10.32 0.47
N ALA A 169 21.08 9.67 0.95
CA ALA A 169 19.75 10.09 0.58
C ALA A 169 19.48 11.59 0.69
N VAL A 170 19.93 12.19 1.78
CA VAL A 170 19.78 13.63 1.98
C VAL A 170 20.56 14.51 1.01
N SER A 171 21.81 14.18 0.70
CA SER A 171 22.50 14.97 -0.40
C SER A 171 21.90 14.65 -1.79
N SER A 172 21.47 13.43 -2.07
CA SER A 172 20.81 13.12 -3.34
C SER A 172 19.39 13.70 -3.53
N SER A 173 18.68 13.85 -2.42
CA SER A 173 17.30 14.21 -2.46
C SER A 173 17.12 15.72 -2.70
N SER A 174 16.22 16.08 -3.60
CA SER A 174 15.80 17.46 -3.76
C SER A 174 14.63 17.77 -2.85
N LYS A 175 14.16 16.81 -2.03
CA LYS A 175 13.09 17.13 -1.05
C LYS A 175 13.51 16.79 0.40
N PRO A 176 12.90 17.50 1.41
CA PRO A 176 13.17 17.21 2.77
C PRO A 176 12.91 15.74 3.10
N ILE A 177 13.73 15.22 3.99
CA ILE A 177 13.67 13.90 4.49
C ILE A 177 13.56 13.93 6.03
N ILE A 178 12.73 13.03 6.60
CA ILE A 178 12.70 12.78 7.98
C ILE A 178 13.29 11.37 8.19
N ASN A 179 14.28 11.21 9.07
CA ASN A 179 14.92 9.92 9.30
C ASN A 179 14.14 9.19 10.29
N ALA A 180 13.62 8.06 9.92
CA ALA A 180 12.77 7.29 10.81
C ALA A 180 13.57 6.29 11.53
N GLY A 181 14.87 6.28 11.43
CA GLY A 181 15.63 5.32 12.24
C GLY A 181 16.71 4.86 11.33
N ASN A 182 17.94 4.85 11.80
CA ASN A 182 19.08 4.43 10.95
C ASN A 182 20.08 3.53 11.73
N GLY A 183 21.18 3.09 11.11
CA GLY A 183 22.28 2.32 11.82
C GLY A 183 23.35 3.05 12.70
N THR A 184 23.50 4.37 12.56
CA THR A 184 24.23 5.21 13.56
C THR A 184 23.41 5.47 14.85
N GLY A 185 22.35 4.70 15.08
CA GLY A 185 21.46 5.01 16.13
C GLY A 185 20.78 6.40 16.29
N GLU A 186 20.57 7.15 15.23
CA GLU A 186 19.67 8.30 15.33
C GLU A 186 18.28 7.82 15.00
N HIS A 187 17.34 8.28 15.84
CA HIS A 187 15.93 8.02 15.67
C HIS A 187 15.22 9.21 16.27
N PRO A 188 15.29 10.33 15.61
CA PRO A 188 14.94 11.53 16.28
C PRO A 188 13.46 11.74 16.67
N THR A 189 12.53 11.23 15.88
CA THR A 189 11.14 11.29 16.26
C THR A 189 10.91 10.43 17.46
N GLN A 190 11.65 9.34 17.64
CA GLN A 190 11.53 8.58 18.89
C GLN A 190 11.92 9.48 20.11
N SER A 191 12.99 10.27 20.00
CA SER A 191 13.51 11.02 21.12
C SER A 191 12.64 12.27 21.33
N LEU A 192 12.12 12.83 20.25
CA LEU A 192 11.06 13.85 20.38
C LEU A 192 9.72 13.39 21.06
N LEU A 193 9.19 12.20 20.69
CA LEU A 193 8.01 11.72 21.37
C LEU A 193 8.34 11.35 22.87
N ASP A 194 9.52 10.82 23.12
CA ASP A 194 10.00 10.54 24.44
C ASP A 194 10.01 11.81 25.23
N PHE A 195 10.60 12.87 24.67
CA PHE A 195 10.64 14.14 25.29
C PHE A 195 9.27 14.69 25.54
N TYR A 196 8.39 14.58 24.56
CA TYR A 196 7.05 15.10 24.69
C TYR A 196 6.33 14.40 25.85
N THR A 197 6.50 13.10 25.97
CA THR A 197 5.88 12.36 27.07
C THR A 197 6.37 12.89 28.46
N ILE A 198 7.68 12.98 28.61
CA ILE A 198 8.31 13.49 29.86
C ILE A 198 7.80 14.90 30.18
N HIS A 199 7.89 15.80 29.25
CA HIS A 199 7.36 17.18 29.40
C HIS A 199 5.88 17.32 29.82
N ASN A 200 5.11 16.39 29.36
CA ASN A 200 3.72 16.30 29.74
C ASN A 200 3.46 16.19 31.23
N TYR A 201 4.22 15.29 31.88
CA TYR A 201 4.10 15.11 33.26
C TYR A 201 5.04 16.00 34.05
N PHE A 202 6.15 16.52 33.45
CA PHE A 202 7.11 17.38 34.13
C PHE A 202 7.51 18.56 33.33
N PRO A 203 6.61 19.53 33.22
CA PRO A 203 6.87 20.65 32.25
C PRO A 203 8.01 21.53 32.51
N PHE A 204 8.50 21.49 33.75
CA PHE A 204 9.60 22.25 34.22
C PHE A 204 10.93 21.85 33.52
N ILE A 205 10.94 20.69 32.86
CA ILE A 205 12.10 20.26 32.06
C ILE A 205 12.58 21.34 31.10
N LEU A 206 11.66 22.06 30.53
CA LEU A 206 12.01 23.09 29.57
C LEU A 206 12.56 24.39 30.19
N ASP A 207 12.23 24.61 31.46
CA ASP A 207 12.45 25.90 32.07
C ASP A 207 13.96 26.18 32.40
N ARG A 208 14.83 25.17 32.54
CA ARG A 208 16.23 25.37 32.94
C ARG A 208 16.32 26.25 34.20
N ASN A 209 15.65 25.78 35.23
CA ASN A 209 15.55 26.47 36.50
C ASN A 209 16.34 25.61 37.48
N ILE A 210 17.38 26.20 38.06
CA ILE A 210 18.34 25.46 38.90
C ILE A 210 17.64 24.75 40.10
N ASN A 211 16.48 25.31 40.53
CA ASN A 211 15.60 24.68 41.55
C ASN A 211 14.74 23.52 41.12
N LYS A 212 14.75 23.12 39.85
CA LYS A 212 13.83 22.08 39.36
C LYS A 212 14.50 21.18 38.36
N LYS A 213 15.14 20.19 38.92
CA LYS A 213 15.94 19.27 38.19
C LYS A 213 15.06 18.07 37.97
N LEU A 214 15.07 17.52 36.76
CA LEU A 214 14.45 16.26 36.55
C LEU A 214 15.44 15.18 36.86
N ASN A 215 15.02 14.10 37.45
CA ASN A 215 15.90 12.94 37.54
C ASN A 215 15.33 11.76 36.80
N ILE A 216 16.22 11.08 36.05
CA ILE A 216 15.80 9.97 35.25
C ILE A 216 16.73 8.85 35.41
N ALA A 217 16.16 7.68 35.53
CA ALA A 217 16.86 6.43 35.54
C ALA A 217 16.59 5.76 34.24
N PHE A 218 17.63 5.62 33.42
CA PHE A 218 17.67 4.67 32.30
C PHE A 218 18.16 3.32 32.75
N VAL A 219 17.47 2.27 32.32
CA VAL A 219 17.64 0.94 32.87
C VAL A 219 17.72 -0.11 31.82
N GLY A 220 18.87 -0.78 31.73
CA GLY A 220 18.94 -2.05 30.98
C GLY A 220 20.12 -2.15 30.06
N ASP A 221 19.86 -2.28 28.76
CA ASP A 221 20.86 -2.36 27.73
C ASP A 221 21.16 -0.96 27.21
N LEU A 222 21.94 -0.28 28.05
CA LEU A 222 22.42 1.11 27.86
C LEU A 222 23.51 1.12 26.86
N LYS A 223 24.30 0.04 26.86
CA LYS A 223 25.24 -0.23 25.75
C LYS A 223 24.50 -0.16 24.35
N ASN A 224 23.56 -1.06 24.09
CA ASN A 224 22.93 -1.13 22.74
C ASN A 224 21.77 -0.19 22.37
N GLY A 225 20.96 0.20 23.36
CA GLY A 225 19.83 1.11 23.14
C GLY A 225 20.22 2.50 22.69
N ARG A 226 20.12 2.71 21.37
CA ARG A 226 20.36 4.01 20.81
C ARG A 226 19.39 5.04 21.37
N THR A 227 18.22 4.54 21.71
CA THR A 227 17.09 5.32 22.08
C THR A 227 17.45 6.07 23.38
N VAL A 228 18.10 5.36 24.29
CA VAL A 228 18.73 5.93 25.49
C VAL A 228 19.81 6.96 25.14
N HIS A 229 20.71 6.55 24.26
CA HIS A 229 21.79 7.47 23.93
C HIS A 229 21.22 8.81 23.46
N SER A 230 20.31 8.75 22.50
CA SER A 230 19.83 9.96 21.83
C SER A 230 18.88 10.80 22.74
N LEU A 231 18.11 10.14 23.60
CA LEU A 231 17.20 10.90 24.49
C LEU A 231 18.15 11.55 25.54
N SER A 232 19.14 10.78 26.03
CA SER A 232 20.23 11.30 26.93
C SER A 232 20.82 12.63 26.49
N LYS A 233 21.13 12.66 25.21
CA LYS A 233 21.75 13.78 24.57
C LYS A 233 20.78 14.94 24.57
N LEU A 234 19.52 14.65 24.33
CA LEU A 234 18.51 15.70 24.27
C LEU A 234 18.20 16.28 25.76
N LEU A 235 18.01 15.38 26.71
CA LEU A 235 17.63 15.72 28.08
C LEU A 235 18.77 16.57 28.68
N SER A 236 20.04 16.24 28.35
CA SER A 236 21.22 16.90 28.95
C SER A 236 21.40 18.35 28.59
N ARG A 237 20.61 18.87 27.63
CA ARG A 237 20.50 20.26 27.32
C ARG A 237 19.64 21.06 28.32
N TYR A 238 19.09 20.31 29.29
CA TYR A 238 18.20 20.88 30.33
C TYR A 238 18.68 20.49 31.75
N ASN A 239 17.99 21.00 32.78
CA ASN A 239 18.46 20.70 34.13
C ASN A 239 18.03 19.27 34.50
N VAL A 240 18.88 18.31 34.12
CA VAL A 240 18.57 16.92 34.37
C VAL A 240 19.71 16.20 34.99
N SER A 241 19.39 15.18 35.76
CA SER A 241 20.36 14.21 36.16
C SER A 241 19.90 12.77 35.85
N PHE A 242 20.93 11.95 35.68
CA PHE A 242 20.87 10.65 35.10
C PHE A 242 21.39 9.59 36.10
N ASN A 243 20.60 8.56 36.35
CA ASN A 243 21.05 7.37 36.99
C ASN A 243 21.03 6.36 35.88
N PHE A 244 22.16 5.68 35.63
CA PHE A 244 22.27 4.59 34.67
C PHE A 244 22.36 3.27 35.36
N VAL A 245 21.48 2.34 34.99
CA VAL A 245 21.30 1.11 35.71
C VAL A 245 21.47 -0.07 34.75
N SER A 246 22.54 -0.82 34.95
CA SER A 246 22.97 -1.84 34.01
C SER A 246 23.98 -2.79 34.65
N CSO A 247 24.27 -3.86 33.89
CA CSO A 247 25.42 -4.75 34.15
CB CSO A 247 25.23 -6.00 33.31
SG CSO A 247 23.53 -6.42 33.46
C CSO A 247 26.71 -4.04 33.78
O CSO A 247 26.65 -3.00 33.10
OD CSO A 247 23.51 -7.28 34.98
N LYS A 248 27.88 -4.57 34.19
CA LYS A 248 29.15 -3.96 33.74
C LYS A 248 29.28 -4.14 32.22
N SER A 249 28.77 -5.28 31.74
CA SER A 249 28.72 -5.68 30.32
C SER A 249 27.99 -4.63 29.41
N LEU A 250 26.92 -4.07 29.96
CA LEU A 250 25.94 -3.26 29.22
C LEU A 250 25.98 -1.84 29.74
N ASN A 251 27.16 -1.38 30.11
CA ASN A 251 27.32 -0.03 30.58
C ASN A 251 27.02 1.03 29.47
N ILE A 252 26.73 2.24 29.91
CA ILE A 252 26.54 3.35 29.00
C ILE A 252 27.87 3.75 28.28
N PRO A 253 27.82 4.00 26.98
CA PRO A 253 29.07 4.41 26.33
C PRO A 253 29.66 5.78 26.77
N LYS A 254 30.97 5.76 27.03
CA LYS A 254 31.83 6.91 27.25
C LYS A 254 31.56 8.16 26.37
N ASP A 255 31.34 7.94 25.06
CA ASP A 255 31.12 9.03 24.13
C ASP A 255 29.90 9.86 24.56
N ILE A 256 28.97 9.15 25.19
CA ILE A 256 27.62 9.60 25.45
C ILE A 256 27.62 10.35 26.80
N VAL A 257 28.21 9.74 27.81
CA VAL A 257 28.60 10.50 29.01
C VAL A 257 29.33 11.81 28.70
N ASN A 258 30.15 11.83 27.69
CA ASN A 258 30.95 13.00 27.49
C ASN A 258 30.06 14.04 27.03
N THR A 259 29.15 13.65 26.14
CA THR A 259 28.18 14.62 25.55
C THR A 259 27.15 15.12 26.61
N ILE A 260 26.74 14.19 27.46
CA ILE A 260 25.90 14.54 28.56
C ILE A 260 26.65 15.58 29.43
N THR A 261 27.90 15.24 29.81
CA THR A 261 28.76 16.08 30.65
C THR A 261 28.99 17.44 29.96
N TYR A 262 29.36 17.39 28.72
CA TYR A 262 29.51 18.61 28.00
C TYR A 262 28.28 19.49 28.10
N ASN A 263 27.11 18.91 27.81
CA ASN A 263 25.87 19.72 27.54
C ASN A 263 25.28 20.38 28.81
N LEU A 264 25.41 19.62 29.90
CA LEU A 264 25.12 20.03 31.25
C LEU A 264 26.03 21.20 31.75
N LYS A 265 27.35 21.04 31.60
CA LYS A 265 28.30 22.14 31.79
C LYS A 265 27.97 23.36 31.01
N LYS A 266 27.56 23.28 29.74
CA LYS A 266 27.11 24.50 28.98
C LYS A 266 25.98 25.42 29.61
N ASN A 267 25.09 24.83 30.42
CA ASN A 267 24.06 25.63 31.15
C ASN A 267 24.25 25.62 32.71
N ASN A 268 25.46 25.28 33.14
CA ASN A 268 25.84 25.05 34.55
C ASN A 268 25.00 24.09 35.32
N PHE A 269 24.58 22.99 34.72
CA PHE A 269 23.85 21.99 35.51
C PHE A 269 24.70 20.81 35.91
N TYR A 270 25.99 20.88 35.56
CA TYR A 270 26.84 19.73 35.87
C TYR A 270 27.36 19.87 37.30
N SER A 271 27.33 18.80 38.07
CA SER A 271 27.90 18.67 39.42
C SER A 271 28.33 17.20 39.55
N ASP A 272 28.93 16.75 40.64
CA ASP A 272 29.38 15.32 40.71
C ASP A 272 28.21 14.33 40.88
N ASP A 273 27.08 14.85 41.38
CA ASP A 273 25.74 14.18 41.49
C ASP A 273 25.14 13.84 40.12
N SER A 274 25.43 14.68 39.13
CA SER A 274 24.77 14.70 37.84
C SER A 274 24.65 13.36 37.14
N ILE A 275 25.53 12.39 37.38
CA ILE A 275 25.51 11.09 36.71
C ILE A 275 25.84 9.96 37.62
N LYS A 276 24.87 9.45 38.37
CA LYS A 276 25.06 8.21 39.15
C LYS A 276 24.97 6.95 38.23
N TYR A 277 25.28 5.78 38.79
CA TYR A 277 25.56 4.50 38.07
C TYR A 277 25.24 3.41 39.03
N PHE A 278 24.39 2.46 38.69
CA PHE A 278 24.03 1.40 39.67
C PHE A 278 23.95 0.08 38.92
N ASP A 279 23.80 -1.00 39.70
CA ASP A 279 23.57 -2.39 39.23
C ASP A 279 22.40 -3.11 39.97
N ASN A 280 21.45 -2.33 40.47
CA ASN A 280 20.14 -2.83 40.93
C ASN A 280 19.07 -1.69 41.03
N LEU A 281 17.83 -2.11 40.87
CA LEU A 281 16.70 -1.24 40.76
C LEU A 281 16.48 -0.46 42.05
N GLU A 282 16.29 -1.20 43.14
CA GLU A 282 16.06 -0.61 44.47
C GLU A 282 16.90 0.65 44.73
N GLU A 283 18.17 0.59 44.35
CA GLU A 283 19.10 1.73 44.44
C GLU A 283 18.90 2.76 43.27
N GLY A 284 19.02 2.28 42.01
CA GLY A 284 18.84 3.11 40.79
C GLY A 284 17.52 3.93 40.67
N LEU A 285 16.43 3.31 41.11
CA LEU A 285 15.08 3.87 40.97
C LEU A 285 14.74 4.89 42.04
N GLU A 286 15.71 5.27 42.87
CA GLU A 286 15.44 6.10 44.00
C GLU A 286 15.45 7.50 43.50
N ASP A 287 14.40 8.19 43.89
CA ASP A 287 14.28 9.59 43.61
C ASP A 287 14.36 10.00 42.14
N VAL A 288 13.98 9.08 41.25
CA VAL A 288 13.74 9.40 39.84
C VAL A 288 12.26 9.77 39.53
N HIS A 289 12.11 10.87 38.80
CA HIS A 289 10.87 11.25 38.14
C HIS A 289 10.45 10.32 37.00
N ILE A 290 11.45 9.83 36.25
CA ILE A 290 11.24 8.99 35.09
C ILE A 290 12.11 7.75 35.16
N ILE A 291 11.48 6.60 34.95
CA ILE A 291 12.17 5.37 34.65
C ILE A 291 11.96 5.16 33.17
N TYR A 292 13.05 4.90 32.46
CA TYR A 292 13.06 4.56 31.06
C TYR A 292 13.72 3.20 30.92
N MET A 293 12.90 2.17 30.89
CA MET A 293 13.24 0.81 30.50
C MET A 293 13.61 0.59 28.98
N THR A 294 14.63 -0.22 28.71
CA THR A 294 15.04 -0.58 27.33
C THR A 294 14.73 -2.01 27.05
N ARG A 295 14.53 -2.28 25.78
CA ARG A 295 14.52 -3.61 25.25
C ARG A 295 15.96 -4.14 25.46
N ILE A 296 16.07 -5.37 25.94
CA ILE A 296 17.34 -6.12 25.90
C ILE A 296 17.51 -6.85 24.52
N GLN A 297 18.41 -6.38 23.67
CA GLN A 297 18.44 -6.87 22.26
C GLN A 297 19.69 -7.73 21.96
N ASN A 312 18.20 -9.37 33.40
CA ASN A 312 17.07 -9.97 34.13
C ASN A 312 17.08 -9.83 35.66
N ALA A 313 18.14 -9.24 36.20
CA ALA A 313 18.07 -8.57 37.51
C ALA A 313 17.24 -7.28 37.35
N PHE A 314 17.05 -6.81 36.10
CA PHE A 314 16.17 -5.64 35.78
C PHE A 314 14.88 -6.06 35.10
N ILE A 315 13.93 -6.45 35.93
CA ILE A 315 12.59 -6.81 35.53
C ILE A 315 11.77 -5.91 36.40
N LEU A 316 11.03 -4.99 35.81
CA LEU A 316 10.20 -4.08 36.64
C LEU A 316 8.88 -4.74 37.10
N SER A 317 8.47 -4.51 38.35
CA SER A 317 7.27 -5.18 38.92
C SER A 317 6.56 -4.20 39.87
N ASN A 318 5.37 -4.55 40.34
CA ASN A 318 4.73 -3.64 41.32
C ASN A 318 5.60 -3.47 42.56
N LYS A 319 6.31 -4.55 42.94
CA LYS A 319 7.12 -4.60 44.17
C LYS A 319 8.27 -3.63 44.07
N THR A 320 9.03 -3.76 42.97
CA THR A 320 10.12 -2.83 42.61
C THR A 320 9.73 -1.35 42.64
N LEU A 321 8.45 -1.09 42.41
CA LEU A 321 7.94 0.26 42.33
C LEU A 321 7.48 0.89 43.64
N GLU A 322 7.30 0.11 44.71
CA GLU A 322 6.78 0.61 46.03
C GLU A 322 7.56 1.82 46.61
N ASN A 323 8.91 1.78 46.44
CA ASN A 323 9.87 2.81 46.95
C ASN A 323 10.24 4.00 46.01
N THR A 324 9.61 4.08 44.85
CA THR A 324 9.83 5.20 43.96
C THR A 324 8.99 6.36 44.42
N ARG A 325 9.28 7.52 43.89
CA ARG A 325 8.43 8.64 44.14
C ARG A 325 7.00 8.42 43.71
N ASP A 326 6.09 9.21 44.25
CA ASP A 326 4.68 9.09 43.85
C ASP A 326 4.33 9.62 42.46
N ASP A 327 5.04 10.67 42.03
CA ASP A 327 4.88 11.31 40.72
C ASP A 327 5.62 10.56 39.51
N THR A 328 6.42 9.55 39.82
CA THR A 328 7.20 8.76 38.92
C THR A 328 6.38 8.18 37.75
N LYS A 329 6.90 8.36 36.54
CA LYS A 329 6.32 7.80 35.33
C LYS A 329 7.35 6.88 34.68
N ILE A 330 6.87 5.75 34.22
CA ILE A 330 7.66 4.76 33.53
C ILE A 330 7.42 4.70 32.02
N LEU A 331 8.50 4.82 31.25
CA LEU A 331 8.52 4.85 29.78
C LEU A 331 9.26 3.60 29.33
N HIS A 332 9.08 3.27 28.05
CA HIS A 332 9.67 2.15 27.43
C HIS A 332 9.35 2.39 25.95
N PRO A 333 10.40 2.45 25.08
CA PRO A 333 10.17 2.81 23.67
C PRO A 333 9.34 1.75 22.90
N LEU A 334 9.38 0.51 23.38
CA LEU A 334 8.57 -0.59 22.91
C LEU A 334 9.22 -1.24 21.65
N PRO A 335 9.02 -2.53 21.40
CA PRO A 335 8.20 -3.42 22.19
C PRO A 335 8.95 -3.92 23.37
N ARG A 336 8.22 -4.47 24.31
CA ARG A 336 8.79 -5.00 25.53
C ARG A 336 8.57 -6.51 25.52
N VAL A 337 9.64 -7.28 25.72
CA VAL A 337 9.52 -8.73 25.90
C VAL A 337 9.04 -8.95 27.34
N ASN A 338 9.92 -9.13 28.31
CA ASN A 338 9.45 -9.27 29.71
C ASN A 338 10.11 -8.36 30.76
N GLU A 339 11.00 -7.47 30.32
CA GLU A 339 11.53 -6.40 31.19
C GLU A 339 10.54 -5.58 32.06
N ILE A 340 9.27 -5.52 31.66
CA ILE A 340 8.17 -4.97 32.50
C ILE A 340 7.04 -5.98 32.56
N LYS A 341 6.67 -6.39 33.76
CA LYS A 341 5.60 -7.36 33.97
C LYS A 341 4.26 -6.70 33.66
N VAL A 342 3.32 -7.48 33.13
CA VAL A 342 2.00 -6.96 32.68
C VAL A 342 1.18 -6.35 33.82
N GLU A 343 1.47 -6.75 35.04
CA GLU A 343 0.84 -6.16 36.21
C GLU A 343 1.06 -4.64 36.25
N VAL A 344 2.21 -4.18 35.78
CA VAL A 344 2.60 -2.77 35.83
C VAL A 344 1.72 -1.87 34.95
N ASP A 345 1.16 -2.43 33.87
CA ASP A 345 0.27 -1.69 32.97
C ASP A 345 -0.86 -1.03 33.78
N SER A 346 -1.37 -1.73 34.80
CA SER A 346 -2.47 -1.24 35.68
C SER A 346 -2.08 -0.11 36.64
N ASN A 347 -0.84 -0.19 37.15
CA ASN A 347 -0.21 0.85 37.99
C ASN A 347 -0.28 2.21 37.25
N PRO A 348 -0.69 3.29 37.95
CA PRO A 348 -0.78 4.60 37.28
C PRO A 348 0.57 5.28 36.99
N LYS A 349 1.66 4.70 37.49
CA LYS A 349 3.02 5.11 37.11
C LYS A 349 3.43 4.70 35.67
N SER A 350 2.77 3.68 35.09
CA SER A 350 3.05 3.23 33.73
C SER A 350 2.46 4.20 32.70
N VAL A 351 3.27 4.70 31.76
CA VAL A 351 2.73 5.51 30.67
C VAL A 351 3.26 5.12 29.28
N TYR A 352 3.83 3.93 29.16
CA TYR A 352 4.48 3.53 27.91
C TYR A 352 3.54 3.43 26.69
N PHE A 353 2.25 3.12 26.92
CA PHE A 353 1.27 3.10 25.81
C PHE A 353 0.84 4.50 25.43
N THR A 354 0.76 5.40 26.41
CA THR A 354 0.56 6.81 26.15
C THR A 354 1.76 7.40 25.43
N GLN A 355 2.95 7.07 25.90
CA GLN A 355 4.17 7.38 25.14
C GLN A 355 4.04 7.02 23.65
N ALA A 356 3.70 5.78 23.33
CA ALA A 356 3.52 5.34 21.92
C ALA A 356 2.45 6.08 21.15
N GLU A 357 1.33 6.33 21.79
CA GLU A 357 0.30 7.14 21.23
C GLU A 357 0.81 8.52 20.87
N ASN A 358 1.64 9.11 21.74
CA ASN A 358 2.25 10.45 21.48
C ASN A 358 3.08 10.57 20.15
N GLY A 359 3.65 9.45 19.66
CA GLY A 359 4.35 9.40 18.34
C GLY A 359 3.49 9.95 17.21
N LEU A 360 2.20 9.68 17.26
CA LEU A 360 1.27 10.19 16.29
C LEU A 360 1.26 11.73 16.27
N TYR A 361 1.21 12.36 17.43
CA TYR A 361 0.98 13.79 17.50
C TYR A 361 2.27 14.51 17.10
N VAL A 362 3.36 13.97 17.58
CA VAL A 362 4.70 14.46 17.29
C VAL A 362 5.01 14.34 15.80
N ARG A 363 4.67 13.21 15.18
CA ARG A 363 4.91 13.06 13.76
C ARG A 363 3.98 13.94 12.96
N MET A 364 2.75 14.16 13.41
CA MET A 364 1.85 15.07 12.71
C MET A 364 2.42 16.49 12.75
N ALA A 365 2.95 16.85 13.92
CA ALA A 365 3.52 18.16 14.12
C ALA A 365 4.73 18.42 13.22
N LEU A 366 5.63 17.47 13.22
CA LEU A 366 6.83 17.56 12.38
C LEU A 366 6.47 17.61 10.89
N LEU A 367 5.60 16.74 10.41
CA LEU A 367 5.14 16.86 9.00
C LEU A 367 4.51 18.22 8.68
N TYR A 368 3.73 18.77 9.62
CA TYR A 368 3.06 20.04 9.41
C TYR A 368 4.09 21.19 9.32
N LEU A 369 5.00 21.21 10.27
CA LEU A 369 6.02 22.24 10.33
C LEU A 369 6.98 22.23 9.13
N ILE A 370 7.43 21.04 8.71
CA ILE A 370 8.37 20.96 7.59
C ILE A 370 7.69 21.19 6.26
N PHE A 371 6.50 20.63 6.07
CA PHE A 371 5.93 20.59 4.73
C PHE A 371 4.81 21.54 4.41
N SER A 372 4.26 22.28 5.39
CA SER A 372 3.09 23.14 5.06
C SER A 372 3.51 24.32 4.23
N SER A 373 2.58 24.86 3.44
CA SER A 373 2.80 26.09 2.62
C SER A 373 2.66 27.38 3.45
N THR A 374 2.94 28.52 2.81
CA THR A 374 2.75 29.87 3.41
C THR A 374 1.77 30.76 2.64
N LYS B 31 -25.35 10.98 5.63
CA LYS B 31 -26.33 9.99 6.19
C LYS B 31 -26.99 9.16 5.07
N LEU B 32 -26.64 7.89 4.95
CA LEU B 32 -27.20 7.01 3.89
C LEU B 32 -28.72 6.87 4.08
N LYS B 33 -29.53 7.02 3.02
CA LYS B 33 -30.96 6.73 3.09
C LYS B 33 -31.21 5.41 2.38
N LEU B 34 -32.04 4.55 2.98
CA LEU B 34 -32.39 3.28 2.36
C LEU B 34 -33.71 3.32 1.60
N ASP B 35 -33.69 2.87 0.37
CA ASP B 35 -34.93 2.70 -0.43
C ASP B 35 -35.91 1.79 0.38
N ASN B 36 -37.19 2.14 0.36
CA ASN B 36 -38.22 1.28 1.01
C ASN B 36 -37.94 1.07 2.53
N MET B 37 -37.28 2.03 3.17
CA MET B 37 -37.03 1.88 4.59
C MET B 37 -38.31 1.49 5.42
N PHE B 38 -39.41 2.17 5.11
CA PHE B 38 -40.64 2.11 5.89
C PHE B 38 -41.49 0.94 5.50
N TYR B 39 -41.51 0.59 4.20
CA TYR B 39 -42.04 -0.70 3.70
C TYR B 39 -41.45 -1.86 4.49
N ILE B 40 -40.11 -1.93 4.48
CA ILE B 40 -39.31 -2.94 5.20
C ILE B 40 -39.57 -3.01 6.70
N ASN B 41 -39.61 -1.86 7.36
CA ASN B 41 -39.95 -1.82 8.82
C ASN B 41 -41.32 -2.44 9.10
N SER B 42 -42.30 -2.20 8.22
CA SER B 42 -43.67 -2.71 8.48
C SER B 42 -43.77 -4.19 8.05
N LYS B 43 -42.94 -4.62 7.09
CA LYS B 43 -42.90 -5.98 6.69
C LYS B 43 -42.21 -6.84 7.75
N TYR B 44 -41.07 -6.41 8.30
CA TYR B 44 -40.37 -7.22 9.35
C TYR B 44 -40.62 -6.86 10.84
N LYS B 45 -41.40 -5.81 11.09
CA LYS B 45 -41.74 -5.37 12.45
C LYS B 45 -40.51 -4.87 13.13
N ILE B 46 -39.76 -4.06 12.42
CA ILE B 46 -38.46 -3.57 12.94
C ILE B 46 -38.45 -2.05 12.75
N ASP B 47 -37.56 -1.37 13.47
CA ASP B 47 -37.16 0.03 13.16
C ASP B 47 -35.70 0.05 12.56
N LEU B 48 -35.53 0.01 11.24
CA LEU B 48 -34.15 -0.10 10.65
C LEU B 48 -33.12 0.91 11.25
N ASP B 49 -33.49 2.18 11.20
CA ASP B 49 -32.77 3.27 11.83
C ASP B 49 -32.26 2.96 13.24
N LYS B 50 -33.09 2.40 14.08
CA LYS B 50 -32.66 2.10 15.42
C LYS B 50 -31.67 0.99 15.32
N ILE B 51 -31.89 0.01 14.41
CA ILE B 51 -30.93 -1.12 14.24
C ILE B 51 -29.57 -0.62 13.74
N MET B 52 -29.61 0.20 12.73
CA MET B 52 -28.41 0.78 12.18
C MET B 52 -27.60 1.55 13.24
N THR B 53 -28.30 2.30 14.06
CA THR B 53 -27.69 3.18 15.09
C THR B 53 -27.02 2.34 16.12
N LYS B 54 -27.73 1.39 16.69
CA LYS B 54 -27.20 0.42 17.64
C LYS B 54 -25.97 -0.39 17.13
N MET B 55 -25.79 -0.49 15.82
CA MET B 55 -24.58 -1.17 15.26
C MET B 55 -23.29 -0.37 15.39
N LYS B 56 -23.37 0.96 15.61
CA LYS B 56 -22.16 1.73 15.89
C LYS B 56 -21.21 1.02 16.95
N ASN B 57 -19.93 0.81 16.57
CA ASN B 57 -18.86 0.20 17.28
C ASN B 57 -18.89 -1.26 17.58
N LYS B 58 -19.74 -1.96 16.90
CA LYS B 58 -19.80 -3.43 17.01
C LYS B 58 -18.62 -4.08 16.28
N SER B 59 -17.92 -4.99 16.93
CA SER B 59 -16.98 -5.79 16.25
C SER B 59 -17.75 -6.96 15.69
N VAL B 60 -17.26 -7.50 14.59
CA VAL B 60 -17.85 -8.55 13.89
C VAL B 60 -16.81 -9.58 13.61
N ILE B 61 -16.91 -10.58 14.46
CA ILE B 61 -15.96 -11.61 14.54
C ILE B 61 -16.50 -12.90 14.04
N ASN B 62 -17.66 -13.30 14.58
CA ASN B 62 -18.30 -14.53 14.22
C ASN B 62 -19.66 -14.25 13.63
N ILE B 63 -20.11 -15.11 12.73
CA ILE B 63 -21.46 -14.89 12.09
C ILE B 63 -22.61 -14.96 13.15
N ASP B 64 -22.42 -15.69 14.27
CA ASP B 64 -23.40 -15.63 15.39
C ASP B 64 -23.49 -14.31 16.13
N ASP B 65 -22.60 -13.34 15.88
CA ASP B 65 -22.66 -12.04 16.46
C ASP B 65 -23.62 -11.22 15.66
N VAL B 66 -24.05 -11.68 14.47
CA VAL B 66 -25.05 -10.93 13.69
C VAL B 66 -26.42 -11.56 14.02
N ASP B 67 -27.35 -10.74 14.51
CA ASP B 67 -28.69 -11.21 14.87
C ASP B 67 -29.58 -10.90 13.69
N ASP B 68 -30.82 -11.40 13.75
CA ASP B 68 -31.84 -11.20 12.70
C ASP B 68 -31.94 -9.81 12.24
N GLU B 69 -31.95 -8.88 13.14
CA GLU B 69 -32.20 -7.47 12.79
C GLU B 69 -30.97 -6.78 12.18
N GLU B 70 -29.81 -7.13 12.71
CA GLU B 70 -28.52 -6.68 12.18
C GLU B 70 -28.33 -7.19 10.73
N LEU B 71 -28.79 -8.43 10.47
CA LEU B 71 -28.68 -9.00 9.14
C LEU B 71 -29.49 -8.30 8.15
N LEU B 72 -30.77 -8.01 8.49
CA LEU B 72 -31.65 -7.17 7.64
C LEU B 72 -30.94 -5.89 7.36
N ALA B 73 -30.45 -5.21 8.40
CA ALA B 73 -29.79 -3.91 8.21
C ALA B 73 -28.59 -4.02 7.22
N ILE B 74 -27.76 -5.05 7.36
CA ILE B 74 -26.58 -5.18 6.50
C ILE B 74 -27.03 -5.40 5.04
N LEU B 75 -28.03 -6.29 4.87
CA LEU B 75 -28.53 -6.68 3.53
C LEU B 75 -29.11 -5.52 2.77
N TYR B 76 -29.96 -4.67 3.40
CA TYR B 76 -30.56 -3.50 2.70
C TYR B 76 -29.57 -2.35 2.55
N THR B 77 -28.71 -2.16 3.56
CA THR B 77 -27.60 -1.23 3.41
C THR B 77 -26.66 -1.68 2.22
N SER B 78 -26.40 -2.97 2.08
CA SER B 78 -25.51 -3.44 0.98
C SER B 78 -26.16 -3.14 -0.36
N LYS B 79 -27.48 -3.30 -0.41
CA LYS B 79 -28.25 -3.12 -1.64
C LYS B 79 -28.27 -1.66 -2.09
N GLN B 80 -28.26 -0.76 -1.11
CA GLN B 80 -28.18 0.66 -1.40
C GLN B 80 -26.82 1.04 -2.06
N PHE B 81 -25.72 0.48 -1.57
CA PHE B 81 -24.36 0.73 -2.10
C PHE B 81 -24.28 0.07 -3.45
N GLU B 82 -24.91 -1.12 -3.62
CA GLU B 82 -25.04 -1.72 -4.95
C GLU B 82 -25.75 -0.72 -5.93
N LYS B 83 -26.93 -0.18 -5.60
CA LYS B 83 -27.68 0.74 -6.48
C LYS B 83 -26.78 1.94 -6.76
N ILE B 84 -26.23 2.54 -5.68
CA ILE B 84 -25.40 3.77 -5.74
C ILE B 84 -24.19 3.63 -6.64
N LEU B 85 -23.37 2.60 -6.45
CA LEU B 85 -22.28 2.28 -7.39
C LEU B 85 -22.66 1.93 -8.84
N LYS B 86 -23.78 1.24 -9.03
CA LYS B 86 -24.31 0.99 -10.39
C LYS B 86 -24.83 2.20 -11.13
N ASN B 87 -25.25 3.30 -10.45
CA ASN B 87 -25.57 4.63 -11.08
C ASN B 87 -24.47 5.69 -11.09
N ASN B 88 -23.25 5.29 -10.80
CA ASN B 88 -22.12 6.24 -10.67
C ASN B 88 -22.44 7.42 -9.82
N GLU B 89 -23.16 7.17 -8.74
CA GLU B 89 -23.44 8.16 -7.74
C GLU B 89 -22.38 8.22 -6.63
N ASP B 90 -22.55 9.21 -5.78
CA ASP B 90 -21.59 9.53 -4.78
C ASP B 90 -21.64 8.36 -3.75
N SER B 91 -20.54 7.64 -3.59
CA SER B 91 -20.46 6.59 -2.56
C SER B 91 -19.77 7.00 -1.29
N LYS B 92 -19.53 8.29 -1.12
CA LYS B 92 -18.61 8.71 -0.09
C LYS B 92 -19.36 8.94 1.20
N TYR B 93 -19.88 7.84 1.80
CA TYR B 93 -20.67 7.97 3.08
C TYR B 93 -19.91 7.74 4.36
N LEU B 94 -18.59 7.55 4.24
CA LEU B 94 -17.71 7.38 5.42
C LEU B 94 -16.34 7.99 5.12
N GLU B 95 -16.27 9.30 5.25
CA GLU B 95 -15.09 10.08 4.91
C GLU B 95 -14.26 10.35 6.15
N ASN B 96 -12.94 10.48 5.97
CA ASN B 96 -11.98 10.91 7.05
C ASN B 96 -11.70 9.91 8.19
N LYS B 97 -11.96 8.64 7.97
CA LYS B 97 -11.62 7.58 8.88
C LYS B 97 -10.36 7.00 8.36
N VAL B 98 -9.61 6.44 9.25
CA VAL B 98 -8.43 5.76 8.89
C VAL B 98 -8.58 4.36 9.43
N PHE B 99 -8.36 3.36 8.58
CA PHE B 99 -8.41 1.95 8.97
C PHE B 99 -7.07 1.31 8.89
N CYS B 100 -6.75 0.38 9.80
CA CYS B 100 -5.62 -0.52 9.59
C CYS B 100 -6.20 -1.82 9.04
N SER B 101 -5.50 -2.36 8.04
CA SER B 101 -5.76 -3.64 7.47
C SER B 101 -4.59 -4.55 7.74
N VAL B 102 -4.81 -5.65 8.45
CA VAL B 102 -3.76 -6.53 8.95
C VAL B 102 -4.05 -7.93 8.47
N PHE B 103 -3.31 -8.31 7.44
CA PHE B 103 -3.45 -9.63 6.91
C PHE B 103 -2.19 -10.41 7.16
N LEU B 104 -2.22 -11.28 8.17
CA LEU B 104 -1.04 -12.13 8.41
C LEU B 104 -1.09 -13.47 7.67
N GLU B 105 -1.84 -13.55 6.56
CA GLU B 105 -1.72 -14.64 5.59
C GLU B 105 -2.07 -14.07 4.26
N PRO B 106 -1.57 -14.71 3.20
CA PRO B 106 -1.87 -14.20 1.88
C PRO B 106 -3.41 -14.15 1.61
N SER B 107 -3.87 -13.04 1.03
CA SER B 107 -5.24 -12.89 0.52
C SER B 107 -5.24 -11.88 -0.65
N THR B 108 -6.04 -12.06 -1.66
CA THR B 108 -6.20 -10.94 -2.57
C THR B 108 -7.65 -10.59 -2.69
N ARG B 109 -8.47 -11.55 -3.01
CA ARG B 109 -9.85 -11.17 -3.13
C ARG B 109 -10.41 -10.49 -1.81
N THR B 110 -10.12 -11.05 -0.63
CA THR B 110 -10.71 -10.48 0.56
C THR B 110 -10.05 -9.15 0.91
N ARG B 111 -8.72 -9.19 0.95
CA ARG B 111 -7.95 -8.00 1.25
C ARG B 111 -8.29 -6.75 0.37
N CSO B 112 -8.36 -6.96 -0.94
CA CSO B 112 -8.57 -5.85 -1.93
CB CSO B 112 -8.22 -6.29 -3.41
SG CSO B 112 -6.50 -6.75 -3.56
C CSO B 112 -9.93 -5.30 -1.82
O CSO B 112 -10.14 -4.13 -1.90
OD CSO B 112 -5.47 -5.13 -3.18
N SER B 113 -10.87 -6.17 -1.65
CA SER B 113 -12.27 -5.86 -1.54
C SER B 113 -12.52 -4.93 -0.36
N PHE B 114 -11.92 -5.27 0.76
CA PHE B 114 -12.05 -4.37 1.93
C PHE B 114 -11.42 -2.99 1.64
N ASP B 115 -10.23 -3.00 1.04
CA ASP B 115 -9.53 -1.79 0.73
C ASP B 115 -10.36 -0.95 -0.25
N ALA B 116 -10.83 -1.56 -1.32
CA ALA B 116 -11.71 -0.87 -2.24
C ALA B 116 -12.93 -0.34 -1.53
N ALA B 117 -13.49 -1.16 -0.66
CA ALA B 117 -14.66 -0.68 0.10
C ALA B 117 -14.33 0.62 0.86
N ILE B 118 -13.18 0.59 1.53
CA ILE B 118 -12.73 1.73 2.27
C ILE B 118 -12.53 2.94 1.32
N LEU B 119 -11.79 2.75 0.23
CA LEU B 119 -11.46 3.89 -0.64
C LEU B 119 -12.73 4.50 -1.16
N LYS B 120 -13.70 3.66 -1.47
CA LYS B 120 -14.90 4.15 -2.14
C LYS B 120 -15.85 4.76 -1.19
N LEU B 121 -15.70 4.50 0.09
CA LEU B 121 -16.44 5.27 1.06
C LEU B 121 -15.81 6.62 1.41
N GLY B 122 -14.62 6.87 0.88
CA GLY B 122 -13.89 8.11 1.12
C GLY B 122 -13.03 8.10 2.35
N SER B 123 -12.58 6.92 2.76
CA SER B 123 -11.69 6.76 3.92
C SER B 123 -10.37 6.22 3.41
N LYS B 124 -9.46 6.00 4.34
CA LYS B 124 -8.08 5.64 4.02
C LYS B 124 -7.70 4.42 4.80
N VAL B 125 -6.75 3.68 4.24
CA VAL B 125 -6.24 2.50 4.87
C VAL B 125 -4.68 2.47 4.98
N LEU B 126 -4.17 1.82 6.04
CA LEU B 126 -2.80 1.43 6.18
C LEU B 126 -2.81 -0.05 6.09
N ASN B 127 -1.80 -0.62 5.42
CA ASN B 127 -1.76 -2.02 5.17
C ASN B 127 -0.56 -2.68 5.81
N ILE B 128 -0.82 -3.82 6.43
CA ILE B 128 0.16 -4.79 6.86
C ILE B 128 -0.23 -6.09 6.14
N THR B 129 0.69 -6.57 5.35
CA THR B 129 0.58 -7.75 4.50
C THR B 129 1.94 -8.45 4.75
N ASP B 130 1.97 -9.59 5.41
CA ASP B 130 3.20 -10.01 6.19
C ASP B 130 3.21 -11.52 6.66
N GLY B 139 9.31 -9.90 19.01
CA GLY B 139 8.33 -10.92 19.49
C GLY B 139 7.32 -10.33 20.45
N GLU B 140 6.72 -9.22 20.05
CA GLU B 140 5.67 -8.53 20.80
C GLU B 140 4.34 -9.29 21.05
N THR B 141 3.72 -9.16 22.23
CA THR B 141 2.43 -9.77 22.48
C THR B 141 1.43 -9.20 21.51
N VAL B 142 0.39 -9.98 21.21
CA VAL B 142 -0.72 -9.53 20.36
C VAL B 142 -1.44 -8.44 21.07
N GLU B 143 -1.62 -8.65 22.34
CA GLU B 143 -2.26 -7.69 23.18
C GLU B 143 -1.62 -6.31 23.09
N ASP B 144 -0.28 -6.23 23.19
CA ASP B 144 0.43 -4.96 23.13
C ASP B 144 0.25 -4.37 21.73
N ALA B 145 0.48 -5.19 20.68
CA ALA B 145 0.38 -4.71 19.34
C ALA B 145 -0.97 -4.08 19.08
N PHE B 146 -2.05 -4.72 19.50
CA PHE B 146 -3.39 -4.16 19.22
C PHE B 146 -3.75 -3.01 20.09
N LYS B 147 -3.22 -3.01 21.30
CA LYS B 147 -3.45 -1.89 22.21
C LYS B 147 -2.85 -0.56 21.69
N ILE B 148 -1.65 -0.62 21.13
CA ILE B 148 -0.99 0.52 20.49
C ILE B 148 -1.68 0.90 19.14
N LEU B 149 -1.76 -0.08 18.24
CA LEU B 149 -2.35 0.07 16.96
C LEU B 149 -3.73 0.67 16.98
N SER B 150 -4.58 0.27 17.90
CA SER B 150 -5.89 0.92 17.97
C SER B 150 -5.91 2.39 18.45
N THR B 151 -4.80 2.99 18.85
CA THR B 151 -4.80 4.45 19.18
C THR B 151 -4.61 5.32 17.94
N TYR B 152 -4.07 4.75 16.86
CA TYR B 152 -3.74 5.44 15.62
C TYR B 152 -4.92 5.46 14.66
N VAL B 153 -5.84 4.52 14.78
CA VAL B 153 -6.82 4.16 13.73
C VAL B 153 -8.19 4.10 14.30
N ASP B 154 -9.18 4.31 13.42
CA ASP B 154 -10.59 4.22 13.79
C ASP B 154 -11.15 2.80 13.83
N GLY B 155 -10.43 1.86 13.18
CA GLY B 155 -10.82 0.50 13.20
C GLY B 155 -9.87 -0.31 12.41
N ILE B 156 -10.09 -1.60 12.52
CA ILE B 156 -9.18 -2.57 12.06
C ILE B 156 -9.82 -3.78 11.38
N ILE B 157 -9.20 -4.25 10.29
CA ILE B 157 -9.62 -5.43 9.60
C ILE B 157 -8.50 -6.39 9.73
N TYR B 158 -8.77 -7.62 10.21
CA TYR B 158 -7.72 -8.54 10.64
C TYR B 158 -8.00 -9.92 10.18
N ARG B 159 -7.05 -10.45 9.44
CA ARG B 159 -7.01 -11.82 9.04
C ARG B 159 -5.79 -12.44 9.62
N ASP B 160 -5.98 -13.53 10.32
CA ASP B 160 -4.93 -14.25 10.99
C ASP B 160 -5.35 -15.73 11.00
N PRO B 161 -4.49 -16.68 10.53
CA PRO B 161 -4.88 -18.09 10.62
C PRO B 161 -4.89 -18.62 12.02
N SER B 162 -4.28 -17.99 13.01
CA SER B 162 -4.53 -18.39 14.41
C SER B 162 -6.00 -18.30 14.92
N LYS B 163 -6.45 -19.31 15.65
CA LYS B 163 -7.75 -19.27 16.36
C LYS B 163 -7.87 -18.10 17.38
N LYS B 164 -6.84 -18.11 18.21
CA LYS B 164 -6.70 -17.26 19.38
C LYS B 164 -6.54 -15.74 19.14
N ASN B 165 -5.68 -15.38 18.17
CA ASN B 165 -5.16 -13.99 18.05
C ASN B 165 -6.22 -12.93 17.84
N VAL B 166 -7.22 -13.28 17.04
CA VAL B 166 -8.30 -12.36 16.73
C VAL B 166 -9.15 -12.02 17.99
N ASP B 167 -9.41 -13.00 18.82
CA ASP B 167 -10.10 -12.83 20.05
C ASP B 167 -9.23 -12.06 21.03
N ILE B 168 -7.94 -12.33 21.01
CA ILE B 168 -7.02 -11.50 21.78
C ILE B 168 -7.09 -10.08 21.32
N ALA B 169 -7.05 -9.90 20.01
CA ALA B 169 -7.01 -8.55 19.44
C ALA B 169 -8.23 -7.76 19.85
N VAL B 170 -9.39 -8.45 19.82
CA VAL B 170 -10.66 -7.80 20.15
C VAL B 170 -10.70 -7.29 21.58
N SER B 171 -10.26 -8.10 22.51
CA SER B 171 -10.23 -7.61 23.93
C SER B 171 -9.12 -6.56 24.19
N SER B 172 -7.99 -6.62 23.49
CA SER B 172 -6.97 -5.64 23.61
C SER B 172 -7.22 -4.33 22.91
N SER B 173 -7.94 -4.36 21.80
CA SER B 173 -8.16 -3.18 20.96
C SER B 173 -9.16 -2.23 21.60
N SER B 174 -8.90 -0.91 21.51
CA SER B 174 -9.90 0.09 21.85
C SER B 174 -10.82 0.32 20.68
N LYS B 175 -10.59 -0.28 19.52
CA LYS B 175 -11.50 0.07 18.41
C LYS B 175 -12.18 -1.17 17.83
N PRO B 176 -13.33 -1.00 17.13
CA PRO B 176 -13.96 -2.19 16.53
C PRO B 176 -13.05 -2.96 15.53
N ILE B 177 -13.17 -4.26 15.54
CA ILE B 177 -12.49 -5.13 14.60
C ILE B 177 -13.51 -5.90 13.76
N ILE B 178 -13.20 -5.99 12.47
CA ILE B 178 -13.81 -6.88 11.56
C ILE B 178 -12.90 -8.03 11.26
N ASN B 179 -13.39 -9.22 11.62
CA ASN B 179 -12.70 -10.42 11.28
C ASN B 179 -12.80 -10.73 9.80
N ALA B 180 -11.64 -10.77 9.12
CA ALA B 180 -11.58 -11.16 7.75
C ALA B 180 -11.24 -12.60 7.50
N GLY B 181 -11.36 -13.42 8.53
CA GLY B 181 -10.95 -14.79 8.46
C GLY B 181 -9.91 -15.15 9.50
N ASN B 182 -10.25 -16.20 10.27
CA ASN B 182 -9.36 -16.70 11.35
C ASN B 182 -9.31 -18.23 11.36
N GLY B 183 -8.49 -18.80 12.24
CA GLY B 183 -8.33 -20.29 12.34
C GLY B 183 -9.51 -21.14 12.82
N THR B 184 -10.48 -20.52 13.49
CA THR B 184 -11.69 -21.16 14.02
C THR B 184 -12.80 -21.35 12.93
N GLY B 185 -12.42 -21.07 11.66
CA GLY B 185 -13.30 -21.19 10.55
C GLY B 185 -14.27 -20.04 10.42
N GLU B 186 -14.09 -18.99 11.18
CA GLU B 186 -14.99 -17.89 11.16
C GLU B 186 -14.52 -16.93 10.02
N HIS B 187 -15.47 -16.41 9.25
CA HIS B 187 -15.22 -15.48 8.13
C HIS B 187 -16.55 -14.79 7.80
N PRO B 188 -16.96 -13.90 8.66
CA PRO B 188 -18.34 -13.54 8.59
C PRO B 188 -18.73 -12.75 7.35
N THR B 189 -17.84 -11.95 6.75
CA THR B 189 -18.27 -11.10 5.60
C THR B 189 -18.43 -12.01 4.37
N GLN B 190 -17.70 -13.12 4.34
CA GLN B 190 -17.94 -14.12 3.28
C GLN B 190 -19.38 -14.73 3.43
N SER B 191 -19.87 -14.99 4.65
CA SER B 191 -21.18 -15.54 4.80
C SER B 191 -22.19 -14.53 4.55
N LEU B 192 -21.89 -13.30 4.93
CA LEU B 192 -22.80 -12.19 4.62
C LEU B 192 -22.98 -11.93 3.11
N LEU B 193 -21.88 -11.92 2.36
CA LEU B 193 -21.95 -11.76 0.93
C LEU B 193 -22.61 -12.99 0.24
N ASP B 194 -22.29 -14.20 0.67
CA ASP B 194 -22.97 -15.42 0.21
C ASP B 194 -24.46 -15.29 0.41
N PHE B 195 -24.87 -14.94 1.63
CA PHE B 195 -26.32 -14.79 1.91
C PHE B 195 -26.88 -13.62 1.10
N TYR B 196 -26.17 -12.48 1.02
CA TYR B 196 -26.69 -11.38 0.21
C TYR B 196 -26.94 -11.83 -1.23
N THR B 197 -26.03 -12.68 -1.74
CA THR B 197 -26.17 -13.12 -3.11
C THR B 197 -27.42 -13.98 -3.29
N ILE B 198 -27.63 -14.90 -2.36
CA ILE B 198 -28.77 -15.75 -2.43
C ILE B 198 -30.06 -14.92 -2.30
N HIS B 199 -30.07 -13.90 -1.43
CA HIS B 199 -31.29 -13.11 -1.15
C HIS B 199 -31.68 -12.22 -2.39
N ASN B 200 -30.68 -11.91 -3.21
CA ASN B 200 -30.86 -11.14 -4.39
C ASN B 200 -31.75 -11.91 -5.36
N TYR B 201 -31.59 -13.22 -5.40
CA TYR B 201 -32.30 -14.04 -6.34
C TYR B 201 -33.55 -14.66 -5.68
N PHE B 202 -33.56 -14.85 -4.34
CA PHE B 202 -34.59 -15.52 -3.62
C PHE B 202 -34.93 -14.74 -2.38
N PRO B 203 -35.55 -13.54 -2.54
CA PRO B 203 -35.70 -12.64 -1.39
C PRO B 203 -36.55 -13.26 -0.32
N PHE B 204 -37.40 -14.19 -0.75
CA PHE B 204 -38.22 -14.90 0.23
C PHE B 204 -37.44 -15.59 1.38
N ILE B 205 -36.15 -15.81 1.19
CA ILE B 205 -35.27 -16.45 2.16
C ILE B 205 -35.42 -15.72 3.49
N LEU B 206 -35.70 -14.43 3.49
CA LEU B 206 -35.84 -13.69 4.75
C LEU B 206 -37.24 -13.76 5.35
N ASP B 207 -38.24 -14.27 4.67
CA ASP B 207 -39.62 -14.10 5.21
C ASP B 207 -39.99 -15.06 6.25
N ARG B 208 -39.30 -16.20 6.36
CA ARG B 208 -39.74 -17.31 7.29
C ARG B 208 -41.24 -17.62 7.07
N ASN B 209 -41.55 -17.75 5.78
CA ASN B 209 -42.81 -18.14 5.35
C ASN B 209 -42.78 -19.66 5.18
N ILE B 210 -43.62 -20.35 5.96
CA ILE B 210 -43.71 -21.82 5.94
C ILE B 210 -44.01 -22.30 4.54
N ASN B 211 -44.63 -21.47 3.72
CA ASN B 211 -44.86 -21.80 2.33
C ASN B 211 -43.76 -21.49 1.37
N LYS B 212 -42.68 -20.84 1.77
CA LYS B 212 -41.65 -20.48 0.82
C LYS B 212 -40.31 -20.91 1.35
N LYS B 213 -39.93 -22.09 0.89
CA LYS B 213 -38.74 -22.74 1.32
C LYS B 213 -37.61 -22.66 0.29
N LEU B 214 -36.44 -22.28 0.72
CA LEU B 214 -35.28 -22.33 -0.14
C LEU B 214 -34.57 -23.65 0.05
N ASN B 215 -34.19 -24.29 -1.05
CA ASN B 215 -33.43 -25.53 -1.05
C ASN B 215 -32.07 -25.26 -1.61
N ILE B 216 -31.03 -25.76 -0.95
CA ILE B 216 -29.64 -25.50 -1.31
C ILE B 216 -28.91 -26.78 -1.26
N ALA B 217 -28.13 -26.98 -2.31
CA ALA B 217 -27.13 -27.99 -2.33
C ALA B 217 -25.80 -27.39 -2.04
N PHE B 218 -25.12 -27.94 -1.02
CA PHE B 218 -23.74 -27.70 -0.86
C PHE B 218 -23.02 -28.90 -1.36
N VAL B 219 -22.00 -28.64 -2.15
CA VAL B 219 -21.27 -29.71 -2.89
C VAL B 219 -19.78 -29.61 -2.78
N GLY B 220 -19.17 -30.65 -2.22
CA GLY B 220 -17.73 -30.96 -2.43
C GLY B 220 -17.07 -31.35 -1.15
N ASP B 221 -16.15 -30.52 -0.69
CA ASP B 221 -15.49 -30.73 0.61
C ASP B 221 -16.29 -30.08 1.71
N LEU B 222 -17.21 -30.86 2.28
CA LEU B 222 -18.05 -30.35 3.36
C LEU B 222 -17.35 -30.39 4.74
N LYS B 223 -16.44 -31.36 4.90
CA LYS B 223 -15.70 -31.53 6.15
C LYS B 223 -14.83 -30.33 6.44
N ASN B 224 -14.05 -29.92 5.48
CA ASN B 224 -13.14 -28.78 5.61
C ASN B 224 -13.62 -27.43 5.14
N GLY B 225 -14.68 -27.39 4.33
CA GLY B 225 -15.16 -26.16 3.73
C GLY B 225 -15.86 -25.31 4.78
N ARG B 226 -15.07 -24.42 5.37
CA ARG B 226 -15.53 -23.64 6.48
C ARG B 226 -16.55 -22.58 6.08
N THR B 227 -16.57 -22.15 4.83
CA THR B 227 -17.64 -21.24 4.36
C THR B 227 -19.02 -21.98 4.29
N VAL B 228 -19.01 -23.28 4.09
CA VAL B 228 -20.19 -24.07 4.17
C VAL B 228 -20.69 -24.10 5.60
N HIS B 229 -19.81 -24.40 6.56
CA HIS B 229 -20.20 -24.47 7.97
C HIS B 229 -20.90 -23.21 8.38
N SER B 230 -20.24 -22.08 8.11
CA SER B 230 -20.78 -20.79 8.48
C SER B 230 -22.05 -20.40 7.75
N LEU B 231 -22.08 -20.66 6.45
CA LEU B 231 -23.25 -20.23 5.67
C LEU B 231 -24.44 -21.12 6.10
N SER B 232 -24.15 -22.40 6.40
CA SER B 232 -25.14 -23.42 6.74
C SER B 232 -25.86 -22.92 8.00
N LYS B 233 -25.06 -22.57 9.03
CA LYS B 233 -25.56 -22.07 10.33
C LYS B 233 -26.44 -20.87 10.06
N LEU B 234 -25.96 -19.89 9.30
CA LEU B 234 -26.78 -18.70 9.06
C LEU B 234 -28.11 -19.02 8.31
N LEU B 235 -28.03 -19.84 7.23
CA LEU B 235 -29.21 -20.20 6.43
C LEU B 235 -30.20 -20.97 7.29
N SER B 236 -29.72 -21.69 8.30
CA SER B 236 -30.59 -22.53 9.08
C SER B 236 -31.47 -21.71 10.01
N ARG B 237 -31.30 -20.41 10.09
CA ARG B 237 -32.20 -19.56 10.82
C ARG B 237 -33.47 -19.22 10.05
N TYR B 238 -33.60 -19.75 8.83
CA TYR B 238 -34.68 -19.38 7.94
C TYR B 238 -35.24 -20.69 7.41
N ASN B 239 -36.11 -20.60 6.44
CA ASN B 239 -36.80 -21.79 6.08
C ASN B 239 -36.03 -22.39 4.96
N VAL B 240 -35.16 -23.32 5.27
CA VAL B 240 -34.28 -23.84 4.25
C VAL B 240 -34.07 -25.30 4.41
N SER B 241 -33.87 -25.94 3.28
CA SER B 241 -33.62 -27.32 3.16
C SER B 241 -32.24 -27.49 2.67
N PHE B 242 -31.55 -28.54 3.09
CA PHE B 242 -30.16 -28.69 2.75
C PHE B 242 -29.89 -30.02 2.09
N ASN B 243 -29.22 -30.03 0.94
CA ASN B 243 -28.66 -31.28 0.33
C ASN B 243 -27.17 -31.26 0.40
N PHE B 244 -26.61 -32.18 1.15
CA PHE B 244 -25.17 -32.27 1.33
C PHE B 244 -24.59 -33.35 0.40
N VAL B 245 -23.74 -32.92 -0.56
CA VAL B 245 -23.29 -33.73 -1.62
C VAL B 245 -21.78 -33.81 -1.54
N SER B 246 -21.32 -34.96 -1.09
CA SER B 246 -19.94 -35.20 -0.84
C SER B 246 -19.64 -36.73 -0.82
N CSO B 247 -18.34 -36.99 -0.99
CA CSO B 247 -17.68 -38.24 -0.74
CB CSO B 247 -16.19 -38.12 -1.24
SG CSO B 247 -15.98 -38.16 -3.03
C CSO B 247 -17.81 -38.44 0.77
O CSO B 247 -17.80 -37.44 1.52
OD CSO B 247 -16.78 -39.69 -3.58
N LYS B 248 -17.91 -39.70 1.20
CA LYS B 248 -17.94 -40.16 2.62
C LYS B 248 -17.05 -39.42 3.57
N SER B 249 -15.77 -39.45 3.25
CA SER B 249 -14.76 -38.92 4.16
C SER B 249 -14.84 -37.40 4.19
N LEU B 250 -15.47 -36.80 3.15
CA LEU B 250 -15.71 -35.32 3.19
C LEU B 250 -17.11 -34.85 3.57
N ASN B 251 -17.87 -35.71 4.24
CA ASN B 251 -19.15 -35.42 4.80
C ASN B 251 -19.18 -34.20 5.71
N ILE B 252 -20.39 -33.65 5.82
CA ILE B 252 -20.63 -32.50 6.67
C ILE B 252 -20.39 -32.95 8.12
N PRO B 253 -19.78 -32.12 8.95
CA PRO B 253 -19.60 -32.61 10.30
C PRO B 253 -20.91 -32.64 11.13
N LYS B 254 -21.03 -33.63 11.98
CA LYS B 254 -22.21 -33.82 12.83
C LYS B 254 -22.49 -32.60 13.70
N ASP B 255 -21.46 -31.94 14.19
CA ASP B 255 -21.68 -30.67 14.90
C ASP B 255 -22.54 -29.64 14.06
N ILE B 256 -22.27 -29.52 12.75
CA ILE B 256 -22.99 -28.52 11.89
C ILE B 256 -24.44 -28.92 11.65
N VAL B 257 -24.61 -30.20 11.41
CA VAL B 257 -25.94 -30.78 11.26
C VAL B 257 -26.83 -30.50 12.43
N ASN B 258 -26.17 -30.52 13.53
CA ASN B 258 -26.80 -30.34 14.77
C ASN B 258 -27.23 -28.92 14.97
N THR B 259 -26.33 -28.01 14.66
CA THR B 259 -26.69 -26.60 14.83
C THR B 259 -27.76 -26.29 13.85
N ILE B 260 -27.65 -26.84 12.64
CA ILE B 260 -28.71 -26.63 11.61
C ILE B 260 -30.06 -27.10 12.14
N THR B 261 -30.03 -28.30 12.77
CA THR B 261 -31.27 -28.99 13.16
C THR B 261 -31.90 -28.20 14.26
N TYR B 262 -31.05 -27.90 15.24
CA TYR B 262 -31.39 -26.91 16.27
C TYR B 262 -32.01 -25.67 15.68
N ASN B 263 -31.35 -24.96 14.77
CA ASN B 263 -31.99 -23.68 14.33
C ASN B 263 -33.31 -23.81 13.56
N LEU B 264 -33.38 -24.86 12.74
CA LEU B 264 -34.55 -25.11 11.96
C LEU B 264 -35.76 -25.38 12.93
N LYS B 265 -35.57 -26.30 13.91
CA LYS B 265 -36.56 -26.70 14.97
C LYS B 265 -36.97 -25.50 15.71
N LYS B 266 -36.06 -24.58 15.91
CA LYS B 266 -36.46 -23.34 16.62
C LYS B 266 -37.51 -22.51 15.90
N ASN B 267 -37.57 -22.53 14.56
CA ASN B 267 -38.56 -21.72 13.83
C ASN B 267 -39.68 -22.55 13.21
N ASN B 268 -39.74 -23.81 13.64
CA ASN B 268 -40.72 -24.78 13.19
C ASN B 268 -40.65 -25.08 11.74
N PHE B 269 -39.42 -25.23 11.23
CA PHE B 269 -39.14 -25.49 9.85
C PHE B 269 -38.44 -26.82 9.70
N TYR B 270 -38.38 -27.61 10.76
CA TYR B 270 -37.62 -28.84 10.68
C TYR B 270 -38.54 -30.01 10.34
N SER B 271 -38.17 -30.82 9.33
CA SER B 271 -38.88 -32.10 9.00
C SER B 271 -37.85 -33.18 8.63
N ASP B 272 -38.16 -34.48 8.55
CA ASP B 272 -37.07 -35.48 8.18
C ASP B 272 -36.48 -35.25 6.77
N ASP B 273 -37.21 -34.47 6.01
CA ASP B 273 -36.79 -33.96 4.76
C ASP B 273 -35.87 -32.66 4.85
N SER B 274 -35.62 -32.08 6.02
CA SER B 274 -34.84 -30.88 6.03
C SER B 274 -33.42 -31.07 5.56
N ILE B 275 -32.84 -32.21 5.87
CA ILE B 275 -31.47 -32.56 5.51
C ILE B 275 -31.38 -33.90 4.77
N LYS B 276 -30.82 -33.87 3.58
CA LYS B 276 -30.52 -35.01 2.79
C LYS B 276 -29.02 -35.10 2.37
N TYR B 277 -28.56 -36.34 2.24
CA TYR B 277 -27.18 -36.66 1.98
C TYR B 277 -27.06 -37.40 0.64
N PHE B 278 -26.06 -37.06 -0.16
CA PHE B 278 -25.91 -37.64 -1.48
C PHE B 278 -24.44 -37.79 -1.78
N ASP B 279 -24.23 -38.74 -2.67
CA ASP B 279 -22.97 -39.33 -3.20
C ASP B 279 -22.67 -38.69 -4.49
N ASN B 280 -23.73 -38.24 -5.15
CA ASN B 280 -23.66 -37.85 -6.53
C ASN B 280 -24.56 -36.62 -6.94
N LEU B 281 -24.12 -35.99 -8.00
CA LEU B 281 -24.58 -34.69 -8.32
C LEU B 281 -26.01 -34.59 -8.92
N GLU B 282 -26.43 -35.62 -9.63
CA GLU B 282 -27.66 -35.65 -10.45
C GLU B 282 -28.86 -35.78 -9.52
N GLU B 283 -28.77 -36.66 -8.52
CA GLU B 283 -29.68 -36.64 -7.36
C GLU B 283 -29.49 -35.36 -6.49
N GLY B 284 -28.24 -35.12 -6.09
CA GLY B 284 -27.84 -33.88 -5.41
C GLY B 284 -28.53 -32.59 -5.82
N LEU B 285 -28.68 -32.39 -7.13
CA LEU B 285 -28.95 -31.05 -7.67
C LEU B 285 -30.33 -30.84 -8.03
N GLU B 286 -31.15 -31.83 -7.66
CA GLU B 286 -32.54 -31.87 -7.98
C GLU B 286 -33.33 -30.94 -7.12
N ASP B 287 -34.06 -30.08 -7.79
CA ASP B 287 -34.97 -29.21 -7.12
C ASP B 287 -34.29 -28.28 -6.06
N VAL B 288 -33.02 -27.88 -6.32
CA VAL B 288 -32.36 -26.85 -5.50
C VAL B 288 -32.37 -25.44 -6.10
N HIS B 289 -32.72 -24.45 -5.32
CA HIS B 289 -32.61 -23.14 -5.80
C HIS B 289 -31.15 -22.71 -5.97
N ILE B 290 -30.21 -23.32 -5.22
CA ILE B 290 -28.83 -22.78 -5.09
C ILE B 290 -27.97 -24.02 -5.06
N ILE B 291 -26.88 -23.92 -5.77
CA ILE B 291 -25.83 -24.89 -5.71
C ILE B 291 -24.61 -24.12 -5.21
N TYR B 292 -23.98 -24.58 -4.15
CA TYR B 292 -22.87 -23.86 -3.60
C TYR B 292 -21.74 -24.84 -3.68
N MET B 293 -20.79 -24.56 -4.61
CA MET B 293 -19.61 -25.38 -4.77
C MET B 293 -18.51 -24.93 -3.91
N THR B 294 -17.84 -25.87 -3.26
CA THR B 294 -16.68 -25.54 -2.47
C THR B 294 -15.45 -25.84 -3.24
N ARG B 295 -14.37 -25.24 -2.79
CA ARG B 295 -13.03 -25.63 -3.20
C ARG B 295 -12.64 -27.02 -2.59
N ILE B 296 -11.73 -27.74 -3.23
CA ILE B 296 -11.17 -28.92 -2.66
C ILE B 296 -9.80 -28.50 -2.36
N GLN B 297 -9.42 -28.47 -1.11
CA GLN B 297 -8.18 -27.81 -0.71
C GLN B 297 -7.10 -28.86 -0.55
N LYS B 298 -6.18 -28.88 -1.52
CA LYS B 298 -5.01 -29.73 -1.58
C LYS B 298 -4.30 -29.71 -0.19
N GLU B 299 -3.99 -28.52 0.35
CA GLU B 299 -3.35 -28.33 1.72
C GLU B 299 -3.99 -29.17 2.87
N ARG B 300 -5.28 -29.48 2.78
CA ARG B 300 -5.97 -30.24 3.85
C ARG B 300 -5.83 -31.79 3.80
N PHE B 301 -5.20 -32.31 2.75
CA PHE B 301 -4.96 -33.74 2.59
C PHE B 301 -3.52 -34.03 2.93
N THR B 302 -3.28 -35.22 3.48
CA THR B 302 -1.94 -35.73 3.89
C THR B 302 -0.85 -35.53 2.79
N ASP B 303 -1.16 -36.07 1.61
CA ASP B 303 -0.33 -36.03 0.38
C ASP B 303 -1.22 -35.77 -0.90
N VAL B 304 -0.58 -35.61 -2.06
CA VAL B 304 -1.28 -35.41 -3.34
C VAL B 304 -2.14 -36.64 -3.78
N ASP B 305 -1.81 -37.82 -3.32
CA ASP B 305 -2.61 -38.97 -3.66
C ASP B 305 -4.00 -38.90 -3.04
N GLU B 306 -4.09 -38.58 -1.75
CA GLU B 306 -5.39 -38.45 -1.06
C GLU B 306 -6.21 -37.35 -1.72
N TYR B 307 -5.61 -36.16 -1.88
CA TYR B 307 -6.21 -35.02 -2.59
C TYR B 307 -6.97 -35.46 -3.83
N ASN B 308 -6.28 -36.29 -4.62
CA ASN B 308 -6.71 -36.78 -5.95
C ASN B 308 -7.90 -37.75 -6.01
N GLN B 309 -8.00 -38.51 -4.93
CA GLN B 309 -9.18 -39.25 -4.49
C GLN B 309 -10.43 -38.43 -4.60
N TYR B 310 -10.31 -37.16 -4.23
CA TYR B 310 -11.44 -36.23 -4.16
C TYR B 310 -11.53 -35.08 -5.17
N LYS B 311 -10.41 -34.70 -5.76
CA LYS B 311 -10.32 -33.49 -6.51
C LYS B 311 -11.43 -33.40 -7.61
N ASN B 312 -11.58 -34.49 -8.37
CA ASN B 312 -12.48 -34.46 -9.53
C ASN B 312 -13.80 -35.18 -9.26
N ALA B 313 -14.04 -35.65 -8.07
CA ALA B 313 -15.28 -36.32 -7.77
C ALA B 313 -16.56 -35.60 -8.20
N PHE B 314 -16.58 -34.26 -8.10
CA PHE B 314 -17.74 -33.41 -8.45
C PHE B 314 -17.29 -32.25 -9.30
N ILE B 315 -17.66 -32.34 -10.55
CA ILE B 315 -17.33 -31.37 -11.53
C ILE B 315 -18.61 -30.93 -12.14
N LEU B 316 -18.90 -29.65 -12.04
CA LEU B 316 -20.13 -29.12 -12.54
C LEU B 316 -19.85 -28.73 -13.98
N SER B 317 -20.69 -29.22 -14.89
CA SER B 317 -20.69 -28.92 -16.35
C SER B 317 -22.10 -28.50 -16.75
N ASN B 318 -22.30 -28.07 -17.98
CA ASN B 318 -23.61 -27.70 -18.50
C ASN B 318 -24.59 -28.87 -18.64
N LYS B 319 -24.01 -30.03 -18.96
CA LYS B 319 -24.65 -31.36 -18.91
C LYS B 319 -25.20 -31.64 -17.49
N THR B 320 -24.35 -31.65 -16.45
CA THR B 320 -24.88 -31.80 -15.06
C THR B 320 -25.90 -30.71 -14.63
N LEU B 321 -25.96 -29.59 -15.32
CA LEU B 321 -26.96 -28.57 -15.05
C LEU B 321 -28.30 -28.66 -15.78
N GLU B 322 -28.43 -29.62 -16.71
CA GLU B 322 -29.65 -29.84 -17.50
C GLU B 322 -30.85 -30.21 -16.58
N ASN B 323 -30.60 -30.98 -15.53
CA ASN B 323 -31.67 -31.40 -14.58
C ASN B 323 -32.21 -30.31 -13.67
N THR B 324 -31.43 -29.26 -13.47
CA THR B 324 -31.71 -28.37 -12.37
C THR B 324 -32.98 -27.54 -12.69
N ARG B 325 -33.56 -26.90 -11.70
CA ARG B 325 -34.56 -25.92 -11.97
C ARG B 325 -34.03 -24.77 -12.83
N ASP B 326 -34.98 -24.10 -13.47
CA ASP B 326 -34.73 -22.95 -14.34
C ASP B 326 -34.15 -21.79 -13.55
N ASP B 327 -34.58 -21.65 -12.30
CA ASP B 327 -34.14 -20.53 -11.42
C ASP B 327 -32.85 -20.82 -10.61
N THR B 328 -32.26 -22.00 -10.77
CA THR B 328 -31.07 -22.40 -10.06
C THR B 328 -29.92 -21.43 -10.29
N LYS B 329 -29.28 -21.00 -9.22
CA LYS B 329 -28.11 -20.11 -9.27
C LYS B 329 -26.95 -20.87 -8.65
N ILE B 330 -25.76 -20.64 -9.17
CA ILE B 330 -24.53 -21.38 -8.80
C ILE B 330 -23.56 -20.39 -8.17
N LEU B 331 -23.12 -20.74 -6.96
CA LEU B 331 -22.21 -19.95 -6.19
C LEU B 331 -21.00 -20.74 -5.88
N HIS B 332 -19.93 -20.01 -5.62
CA HIS B 332 -18.66 -20.59 -5.31
C HIS B 332 -17.88 -19.47 -4.73
N PRO B 333 -17.36 -19.72 -3.55
CA PRO B 333 -16.68 -18.62 -2.83
C PRO B 333 -15.32 -18.19 -3.47
N LEU B 334 -14.70 -19.07 -4.21
CA LEU B 334 -13.61 -18.84 -5.09
C LEU B 334 -12.38 -18.82 -4.20
N PRO B 335 -11.27 -19.29 -4.69
CA PRO B 335 -11.05 -19.60 -6.07
C PRO B 335 -11.52 -21.00 -6.38
N ARG B 336 -11.77 -21.28 -7.65
CA ARG B 336 -12.01 -22.61 -8.12
C ARG B 336 -10.77 -23.26 -8.80
N VAL B 337 -10.74 -24.60 -8.96
CA VAL B 337 -9.75 -25.28 -9.78
C VAL B 337 -10.51 -25.97 -10.92
N ASN B 338 -10.78 -27.29 -10.84
CA ASN B 338 -11.55 -28.01 -11.86
C ASN B 338 -13.05 -28.13 -11.56
N GLU B 339 -13.48 -27.80 -10.33
CA GLU B 339 -14.83 -28.20 -9.84
C GLU B 339 -16.00 -27.57 -10.59
N ILE B 340 -15.78 -26.38 -11.16
CA ILE B 340 -16.72 -25.78 -12.14
C ILE B 340 -15.98 -25.53 -13.49
N LYS B 341 -16.32 -26.31 -14.51
CA LYS B 341 -15.82 -26.11 -15.86
C LYS B 341 -16.12 -24.70 -16.35
N VAL B 342 -15.19 -24.17 -17.13
CA VAL B 342 -15.22 -22.81 -17.59
C VAL B 342 -16.48 -22.53 -18.39
N GLU B 343 -16.98 -23.52 -19.14
CA GLU B 343 -18.22 -23.37 -19.94
C GLU B 343 -19.43 -22.90 -19.13
N VAL B 344 -19.44 -23.29 -17.86
CA VAL B 344 -20.51 -22.91 -16.97
C VAL B 344 -20.53 -21.38 -16.71
N ASP B 345 -19.40 -20.69 -16.83
CA ASP B 345 -19.41 -19.22 -16.68
C ASP B 345 -20.40 -18.48 -17.58
N SER B 346 -20.57 -19.01 -18.80
CA SER B 346 -21.53 -18.47 -19.80
C SER B 346 -22.96 -18.87 -19.55
N ASN B 347 -23.17 -20.01 -18.88
CA ASN B 347 -24.50 -20.39 -18.43
C ASN B 347 -25.12 -19.26 -17.53
N PRO B 348 -26.37 -18.78 -17.83
CA PRO B 348 -26.99 -17.71 -16.96
C PRO B 348 -27.30 -18.11 -15.47
N LYS B 349 -27.19 -19.40 -15.20
CA LYS B 349 -27.28 -19.93 -13.86
C LYS B 349 -26.06 -19.60 -12.97
N SER B 350 -24.88 -19.42 -13.58
CA SER B 350 -23.65 -19.13 -12.83
C SER B 350 -23.66 -17.68 -12.27
N VAL B 351 -23.42 -17.50 -10.96
CA VAL B 351 -23.31 -16.14 -10.43
C VAL B 351 -22.09 -15.93 -9.56
N TYR B 352 -21.16 -16.88 -9.55
CA TYR B 352 -19.98 -16.80 -8.67
C TYR B 352 -19.16 -15.52 -8.84
N PHE B 353 -19.14 -14.96 -10.04
CA PHE B 353 -18.41 -13.69 -10.25
C PHE B 353 -19.22 -12.51 -9.75
N THR B 354 -20.53 -12.55 -9.90
CA THR B 354 -21.38 -11.54 -9.29
C THR B 354 -21.33 -11.64 -7.74
N GLN B 355 -21.21 -12.86 -7.24
CA GLN B 355 -21.04 -13.15 -5.85
C GLN B 355 -19.77 -12.50 -5.27
N ALA B 356 -18.62 -12.79 -5.90
CA ALA B 356 -17.36 -12.11 -5.53
C ALA B 356 -17.47 -10.57 -5.53
N GLU B 357 -18.15 -10.04 -6.53
CA GLU B 357 -18.41 -8.62 -6.66
C GLU B 357 -19.27 -8.12 -5.50
N ASN B 358 -20.20 -8.95 -5.01
CA ASN B 358 -21.08 -8.54 -3.93
C ASN B 358 -20.36 -8.25 -2.65
N GLY B 359 -19.18 -8.87 -2.49
CA GLY B 359 -18.30 -8.62 -1.32
C GLY B 359 -17.98 -7.15 -1.12
N LEU B 360 -17.86 -6.42 -2.23
CA LEU B 360 -17.71 -4.95 -2.18
C LEU B 360 -18.89 -4.20 -1.51
N TYR B 361 -20.11 -4.51 -1.94
CA TYR B 361 -21.30 -3.79 -1.44
C TYR B 361 -21.55 -4.11 0.01
N VAL B 362 -21.33 -5.35 0.38
CA VAL B 362 -21.46 -5.80 1.76
C VAL B 362 -20.40 -5.29 2.75
N ARG B 363 -19.14 -5.29 2.32
CA ARG B 363 -18.09 -4.72 3.10
C ARG B 363 -18.27 -3.24 3.22
N MET B 364 -18.74 -2.58 2.17
CA MET B 364 -19.07 -1.14 2.33
C MET B 364 -20.16 -0.91 3.36
N ALA B 365 -21.20 -1.74 3.29
CA ALA B 365 -22.34 -1.60 4.18
C ALA B 365 -21.87 -1.79 5.59
N LEU B 366 -21.07 -2.82 5.80
CA LEU B 366 -20.63 -3.15 7.15
C LEU B 366 -19.72 -2.06 7.75
N LEU B 367 -18.79 -1.56 6.96
CA LEU B 367 -17.96 -0.45 7.44
C LEU B 367 -18.83 0.75 7.77
N TYR B 368 -19.81 1.00 6.91
CA TYR B 368 -20.69 2.11 7.13
C TYR B 368 -21.41 2.03 8.47
N LEU B 369 -22.02 0.88 8.73
CA LEU B 369 -22.85 0.72 9.92
C LEU B 369 -22.03 0.70 11.19
N ILE B 370 -20.84 0.12 11.13
CA ILE B 370 -19.97 0.05 12.31
C ILE B 370 -19.31 1.41 12.65
N PHE B 371 -18.80 2.13 11.66
CA PHE B 371 -17.90 3.28 11.91
C PHE B 371 -18.45 4.65 11.74
N SER B 372 -19.52 4.83 10.98
CA SER B 372 -20.07 6.22 10.77
C SER B 372 -20.63 6.81 12.06
N SER B 373 -20.64 8.15 12.14
CA SER B 373 -21.43 8.86 13.16
C SER B 373 -22.92 8.77 12.75
N LEU C 32 -9.69 20.68 -18.67
CA LEU C 32 -8.18 20.70 -18.85
C LEU C 32 -8.01 21.25 -20.21
N LYS C 33 -7.47 22.46 -20.22
CA LYS C 33 -7.23 23.17 -21.46
C LYS C 33 -5.71 23.15 -21.74
N LEU C 34 -5.37 22.88 -23.00
CA LEU C 34 -3.99 22.93 -23.47
C LEU C 34 -3.61 24.36 -23.85
N ASP C 35 -2.92 25.07 -22.97
CA ASP C 35 -2.41 26.42 -23.26
C ASP C 35 -0.86 26.58 -23.41
N ASN C 36 -0.13 25.50 -23.19
CA ASN C 36 1.36 25.48 -23.02
C ASN C 36 2.09 25.80 -24.31
N MET C 37 3.32 26.28 -24.17
CA MET C 37 3.98 26.91 -25.31
C MET C 37 4.29 25.95 -26.48
N PHE C 38 4.38 24.63 -26.26
CA PHE C 38 4.45 23.64 -27.40
C PHE C 38 3.15 23.44 -28.24
N TYR C 39 2.00 23.26 -27.59
CA TYR C 39 0.73 23.01 -28.28
C TYR C 39 0.37 24.22 -29.18
N ILE C 40 0.54 25.47 -28.65
CA ILE C 40 0.10 26.71 -29.36
C ILE C 40 1.01 27.02 -30.57
N ASN C 41 2.32 26.76 -30.44
CA ASN C 41 3.26 26.77 -31.60
C ASN C 41 3.19 25.56 -32.57
N SER C 42 2.89 24.38 -32.06
CA SER C 42 2.69 23.23 -32.94
C SER C 42 1.78 23.54 -34.14
N LYS C 43 2.06 22.84 -35.22
CA LYS C 43 1.42 23.02 -36.50
C LYS C 43 0.42 21.89 -36.71
N TYR C 44 0.40 20.90 -35.82
CA TYR C 44 -0.57 19.77 -35.82
C TYR C 44 -1.45 20.09 -34.61
N LYS C 45 -2.42 20.97 -34.82
CA LYS C 45 -3.41 21.27 -33.79
C LYS C 45 -4.33 20.06 -33.66
N ILE C 46 -4.98 19.91 -32.51
CA ILE C 46 -5.83 18.73 -32.28
C ILE C 46 -7.12 19.00 -31.49
N ASP C 47 -8.13 18.17 -31.84
CA ASP C 47 -9.38 18.10 -31.10
C ASP C 47 -9.35 17.09 -29.90
N LEU C 48 -9.02 17.63 -28.72
CA LEU C 48 -8.75 16.84 -27.51
C LEU C 48 -9.97 16.08 -27.07
N ASP C 49 -11.14 16.71 -27.21
CA ASP C 49 -12.42 16.04 -27.00
C ASP C 49 -12.65 14.82 -27.90
N LYS C 50 -12.38 14.98 -29.17
CA LYS C 50 -12.52 13.88 -30.08
C LYS C 50 -11.54 12.77 -29.72
N ILE C 51 -10.32 13.12 -29.33
CA ILE C 51 -9.29 12.12 -29.09
C ILE C 51 -9.55 11.39 -27.80
N MET C 52 -10.06 12.11 -26.81
CA MET C 52 -10.49 11.49 -25.58
C MET C 52 -11.61 10.48 -25.78
N THR C 53 -12.57 10.81 -26.59
CA THR C 53 -13.64 9.85 -26.88
C THR C 53 -13.05 8.59 -27.44
N LYS C 54 -12.10 8.74 -28.37
CA LYS C 54 -11.54 7.62 -29.03
C LYS C 54 -10.69 6.83 -28.02
N MET C 55 -10.05 7.56 -27.10
CA MET C 55 -9.12 6.97 -26.12
C MET C 55 -9.77 6.38 -24.91
N LYS C 56 -11.03 6.72 -24.63
CA LYS C 56 -11.68 6.31 -23.39
C LYS C 56 -11.62 4.77 -23.21
N ASN C 57 -11.13 4.28 -22.08
CA ASN C 57 -11.15 2.82 -21.81
C ASN C 57 -10.29 1.93 -22.70
N LYS C 58 -9.31 2.53 -23.29
CA LYS C 58 -8.35 1.78 -24.10
C LYS C 58 -7.31 1.12 -23.18
N SER C 59 -6.98 -0.11 -23.51
CA SER C 59 -5.84 -0.76 -22.96
C SER C 59 -4.59 -0.36 -23.73
N VAL C 60 -3.49 -0.16 -23.02
CA VAL C 60 -2.19 0.08 -23.64
C VAL C 60 -1.26 -1.06 -23.25
N ILE C 61 -1.14 -2.02 -24.18
CA ILE C 61 -0.38 -3.20 -23.99
C ILE C 61 0.92 -3.13 -24.71
N ASN C 62 0.85 -2.83 -26.02
CA ASN C 62 2.05 -2.60 -26.85
C ASN C 62 2.01 -1.20 -27.43
N ILE C 63 3.16 -0.71 -27.92
CA ILE C 63 3.22 0.73 -28.32
C ILE C 63 2.32 0.96 -29.59
N ASP C 64 2.15 -0.12 -30.39
CA ASP C 64 1.18 -0.16 -31.52
C ASP C 64 -0.22 0.10 -31.08
N ASP C 65 -0.54 0.11 -29.78
CA ASP C 65 -1.89 0.44 -29.40
C ASP C 65 -2.12 1.90 -29.42
N VAL C 66 -1.11 2.75 -29.69
CA VAL C 66 -1.24 4.22 -29.66
C VAL C 66 -0.90 4.63 -31.09
N ASP C 67 -1.84 5.26 -31.74
CA ASP C 67 -1.58 5.78 -33.10
C ASP C 67 -1.01 7.21 -33.07
N ASP C 68 -0.91 7.80 -34.25
CA ASP C 68 -0.28 9.14 -34.47
C ASP C 68 -0.97 10.16 -33.67
N GLU C 69 -2.30 10.22 -33.74
CA GLU C 69 -3.00 11.35 -33.07
C GLU C 69 -3.03 11.18 -31.52
N GLU C 70 -3.07 9.91 -31.10
CA GLU C 70 -3.03 9.59 -29.71
C GLU C 70 -1.74 10.01 -29.13
N LEU C 71 -0.67 9.66 -29.82
CA LEU C 71 0.63 10.16 -29.40
C LEU C 71 0.71 11.64 -29.26
N LEU C 72 0.26 12.37 -30.27
CA LEU C 72 0.32 13.81 -30.14
C LEU C 72 -0.52 14.30 -29.00
N ALA C 73 -1.71 13.70 -28.83
CA ALA C 73 -2.51 14.10 -27.65
C ALA C 73 -1.72 13.84 -26.34
N ILE C 74 -1.12 12.66 -26.23
CA ILE C 74 -0.27 12.35 -25.01
C ILE C 74 0.80 13.42 -24.81
N LEU C 75 1.44 13.78 -25.89
CA LEU C 75 2.58 14.63 -25.74
C LEU C 75 2.12 16.01 -25.31
N TYR C 76 1.10 16.54 -25.96
CA TYR C 76 0.58 17.88 -25.56
C TYR C 76 0.07 17.87 -24.17
N THR C 77 -0.68 16.81 -23.84
CA THR C 77 -1.30 16.74 -22.54
C THR C 77 -0.24 16.58 -21.46
N SER C 78 0.82 15.84 -21.78
CA SER C 78 2.04 15.71 -20.92
C SER C 78 2.71 17.03 -20.64
N LYS C 79 2.87 17.86 -21.69
CA LYS C 79 3.37 19.23 -21.42
C LYS C 79 2.48 20.02 -20.49
N GLN C 80 1.15 19.95 -20.73
CA GLN C 80 0.22 20.64 -19.76
C GLN C 80 0.52 20.31 -18.29
N PHE C 81 0.61 19.00 -17.97
CA PHE C 81 0.81 18.54 -16.65
C PHE C 81 2.17 18.93 -16.19
N GLU C 82 3.14 18.90 -17.07
CA GLU C 82 4.41 19.42 -16.62
C GLU C 82 4.32 20.89 -16.18
N LYS C 83 3.65 21.68 -17.02
CA LYS C 83 3.48 23.10 -16.73
C LYS C 83 2.70 23.37 -15.39
N ILE C 84 1.59 22.64 -15.26
CA ILE C 84 0.78 22.70 -14.05
C ILE C 84 1.68 22.40 -12.84
N LEU C 85 2.46 21.33 -12.88
CA LEU C 85 3.25 20.97 -11.71
C LEU C 85 4.39 21.97 -11.51
N LYS C 86 4.98 22.43 -12.60
CA LYS C 86 6.13 23.29 -12.40
C LYS C 86 5.65 24.57 -11.84
N ASN C 87 4.42 25.00 -12.15
CA ASN C 87 3.86 26.23 -11.61
C ASN C 87 2.98 26.04 -10.33
N ASN C 88 3.24 25.01 -9.53
CA ASN C 88 2.32 24.59 -8.41
C ASN C 88 0.84 24.87 -8.56
N GLU C 89 0.25 24.61 -9.70
CA GLU C 89 -1.17 24.72 -9.89
C GLU C 89 -1.92 23.39 -9.61
N ASP C 90 -3.24 23.42 -9.69
CA ASP C 90 -4.06 22.31 -9.22
C ASP C 90 -3.95 21.21 -10.25
N SER C 91 -3.43 20.06 -9.83
CA SER C 91 -3.25 18.94 -10.79
C SER C 91 -4.40 17.92 -10.78
N LYS C 92 -5.46 18.22 -10.07
CA LYS C 92 -6.41 17.19 -9.71
C LYS C 92 -7.45 17.06 -10.76
N TYR C 93 -7.04 16.59 -11.94
CA TYR C 93 -7.99 16.48 -13.07
C TYR C 93 -8.54 15.10 -13.31
N LEU C 94 -8.26 14.15 -12.41
CA LEU C 94 -8.98 12.88 -12.49
C LEU C 94 -9.23 12.38 -11.08
N GLU C 95 -10.43 12.69 -10.59
CA GLU C 95 -10.82 12.44 -9.18
C GLU C 95 -11.75 11.21 -9.08
N ASN C 96 -11.66 10.56 -7.93
CA ASN C 96 -12.57 9.43 -7.58
C ASN C 96 -12.47 8.17 -8.42
N LYS C 97 -11.33 7.94 -9.09
CA LYS C 97 -11.07 6.66 -9.70
C LYS C 97 -10.25 5.90 -8.79
N VAL C 98 -10.38 4.60 -8.90
CA VAL C 98 -9.63 3.69 -8.15
C VAL C 98 -8.96 2.79 -9.16
N PHE C 99 -7.67 2.65 -9.02
CA PHE C 99 -6.87 1.76 -9.84
C PHE C 99 -6.27 0.67 -9.02
N CYS C 100 -6.05 -0.48 -9.67
CA CYS C 100 -5.23 -1.50 -9.09
C CYS C 100 -3.86 -1.38 -9.77
N SER C 101 -2.81 -1.47 -8.99
CA SER C 101 -1.44 -1.54 -9.44
C SER C 101 -0.96 -2.91 -9.06
N VAL C 102 -0.67 -3.76 -10.04
CA VAL C 102 -0.21 -5.12 -9.80
C VAL C 102 1.26 -5.27 -10.34
N PHE C 103 2.25 -5.34 -9.49
CA PHE C 103 3.63 -5.47 -9.83
C PHE C 103 4.13 -6.82 -9.24
N LEU C 104 4.38 -7.74 -10.15
CA LEU C 104 4.84 -9.05 -9.81
C LEU C 104 6.31 -9.10 -10.14
N GLU C 105 6.97 -7.96 -10.32
CA GLU C 105 8.43 -7.97 -10.34
C GLU C 105 8.98 -6.66 -9.86
N PRO C 106 10.29 -6.62 -9.59
CA PRO C 106 10.78 -5.40 -8.92
C PRO C 106 10.65 -4.13 -9.76
N SER C 107 10.28 -3.05 -9.11
CA SER C 107 10.22 -1.74 -9.78
C SER C 107 10.30 -0.55 -8.85
N THR C 108 11.04 0.51 -9.23
CA THR C 108 10.98 1.80 -8.53
C THR C 108 10.28 2.89 -9.40
N ARG C 109 10.90 3.22 -10.53
CA ARG C 109 10.47 4.35 -11.27
C ARG C 109 9.07 4.06 -11.70
N THR C 110 8.84 2.88 -12.25
CA THR C 110 7.63 2.63 -12.98
C THR C 110 6.45 2.52 -11.99
N ARG C 111 6.62 1.69 -10.97
CA ARG C 111 5.59 1.53 -9.97
C ARG C 111 5.32 2.80 -9.25
N CSO C 112 6.37 3.47 -8.76
CA CSO C 112 6.17 4.67 -7.92
CB CSO C 112 7.39 5.09 -7.06
SG CSO C 112 8.04 3.88 -5.94
C CSO C 112 5.61 5.84 -8.74
O CSO C 112 4.84 6.68 -8.27
OD CSO C 112 6.80 4.11 -4.57
N SER C 113 6.00 5.94 -9.98
CA SER C 113 5.58 7.05 -10.78
C SER C 113 4.13 6.87 -11.22
N PHE C 114 3.68 5.66 -11.52
CA PHE C 114 2.29 5.46 -11.75
C PHE C 114 1.45 5.93 -10.50
N ASP C 115 1.89 5.51 -9.31
CA ASP C 115 1.17 5.73 -8.08
C ASP C 115 1.11 7.26 -7.88
N ALA C 116 2.25 7.91 -8.05
CA ALA C 116 2.34 9.35 -7.85
C ALA C 116 1.40 10.12 -8.80
N ALA C 117 1.35 9.62 -10.02
CA ALA C 117 0.51 10.18 -11.03
C ALA C 117 -0.95 10.03 -10.64
N ILE C 118 -1.31 8.84 -10.12
CA ILE C 118 -2.64 8.53 -9.71
C ILE C 118 -3.04 9.45 -8.62
N LEU C 119 -2.20 9.60 -7.59
CA LEU C 119 -2.50 10.43 -6.43
C LEU C 119 -2.49 11.90 -6.75
N LYS C 120 -1.50 12.41 -7.48
CA LYS C 120 -1.57 13.81 -7.89
C LYS C 120 -2.74 14.22 -8.77
N LEU C 121 -3.38 13.22 -9.41
CA LEU C 121 -4.53 13.53 -10.28
C LEU C 121 -5.85 13.60 -9.44
N GLY C 122 -5.77 13.20 -8.18
CA GLY C 122 -6.91 13.12 -7.30
C GLY C 122 -7.58 11.74 -7.17
N SER C 123 -6.96 10.67 -7.66
CA SER C 123 -7.53 9.35 -7.63
C SER C 123 -6.74 8.46 -6.65
N LYS C 124 -7.18 7.23 -6.53
CA LYS C 124 -6.69 6.35 -5.49
C LYS C 124 -6.18 5.09 -6.13
N VAL C 125 -5.29 4.40 -5.41
CA VAL C 125 -4.65 3.23 -5.89
C VAL C 125 -4.59 2.14 -4.80
N LEU C 126 -4.93 0.93 -5.19
CA LEU C 126 -4.68 -0.29 -4.44
C LEU C 126 -3.49 -0.98 -5.02
N ASN C 127 -2.58 -1.41 -4.16
CA ASN C 127 -1.38 -2.04 -4.53
C ASN C 127 -1.25 -3.51 -4.21
N ILE C 128 -1.00 -4.33 -5.22
CA ILE C 128 -0.51 -5.68 -5.07
C ILE C 128 0.89 -5.66 -5.60
N THR C 129 1.82 -5.98 -4.74
CA THR C 129 3.21 -5.92 -5.01
C THR C 129 3.71 -7.20 -4.43
N ASP C 130 3.82 -8.22 -5.23
CA ASP C 130 4.09 -9.59 -4.76
C ASP C 130 5.20 -10.23 -5.61
N MET C 131 6.34 -10.52 -5.00
CA MET C 131 7.50 -10.95 -5.75
C MET C 131 7.59 -12.50 -6.05
N ASN C 132 6.54 -12.99 -6.71
CA ASN C 132 6.61 -14.13 -7.66
C ASN C 132 5.25 -14.14 -8.42
N SER C 133 5.31 -14.31 -9.74
CA SER C 133 4.08 -14.65 -10.49
C SER C 133 3.37 -15.92 -9.91
N THR C 134 4.13 -17.02 -9.67
CA THR C 134 3.73 -18.27 -8.91
C THR C 134 2.78 -18.10 -7.68
N SER C 135 3.24 -17.39 -6.63
CA SER C 135 2.51 -17.15 -5.33
C SER C 135 1.39 -16.03 -5.33
N PHE C 136 1.15 -15.42 -6.50
CA PHE C 136 -0.04 -14.60 -6.75
C PHE C 136 -1.18 -15.37 -7.54
N TYR C 137 -0.79 -16.34 -8.38
CA TYR C 137 -1.71 -17.25 -9.16
C TYR C 137 -1.70 -18.61 -8.51
N LYS C 138 -1.95 -18.53 -7.19
CA LYS C 138 -1.80 -19.64 -6.22
C LYS C 138 -2.98 -20.62 -6.51
N GLY C 139 -2.76 -21.54 -7.46
CA GLY C 139 -3.83 -22.38 -8.04
C GLY C 139 -5.05 -21.70 -8.66
N GLU C 140 -5.02 -20.36 -8.79
CA GLU C 140 -6.04 -19.55 -9.48
C GLU C 140 -5.48 -19.18 -10.85
N THR C 141 -6.24 -19.47 -11.88
CA THR C 141 -6.01 -18.94 -13.17
C THR C 141 -5.95 -17.37 -13.27
N VAL C 142 -5.10 -16.92 -14.17
CA VAL C 142 -4.97 -15.53 -14.42
C VAL C 142 -6.30 -14.95 -14.86
N GLU C 143 -7.00 -15.73 -15.69
CA GLU C 143 -8.28 -15.42 -16.24
C GLU C 143 -9.27 -15.04 -15.14
N ASP C 144 -9.36 -15.90 -14.13
CA ASP C 144 -10.30 -15.66 -13.05
C ASP C 144 -9.81 -14.47 -12.20
N ALA C 145 -8.52 -14.42 -11.90
CA ALA C 145 -7.98 -13.32 -11.06
C ALA C 145 -8.34 -11.97 -11.60
N PHE C 146 -8.22 -11.86 -12.92
CA PHE C 146 -8.43 -10.58 -13.56
C PHE C 146 -9.89 -10.34 -13.77
N LYS C 147 -10.69 -11.41 -13.90
CA LYS C 147 -12.14 -11.32 -13.86
C LYS C 147 -12.58 -10.67 -12.54
N ILE C 148 -12.05 -11.14 -11.43
CA ILE C 148 -12.59 -10.72 -10.17
C ILE C 148 -12.11 -9.33 -9.92
N LEU C 149 -10.78 -9.19 -9.95
CA LEU C 149 -10.10 -7.96 -9.62
C LEU C 149 -10.62 -6.76 -10.34
N SER C 150 -10.89 -6.90 -11.62
CA SER C 150 -11.49 -5.80 -12.37
C SER C 150 -12.83 -5.30 -11.87
N THR C 151 -13.61 -6.10 -11.14
CA THR C 151 -14.93 -5.60 -10.59
C THR C 151 -14.78 -4.42 -9.62
N TYR C 152 -13.73 -4.39 -8.81
CA TYR C 152 -13.49 -3.38 -7.70
C TYR C 152 -12.82 -2.08 -8.15
N VAL C 153 -12.35 -2.00 -9.40
CA VAL C 153 -11.49 -0.90 -9.84
C VAL C 153 -11.87 -0.36 -11.22
N ASP C 154 -11.40 0.85 -11.55
CA ASP C 154 -11.61 1.45 -12.88
C ASP C 154 -10.51 1.08 -13.91
N GLY C 155 -9.37 0.57 -13.46
CA GLY C 155 -8.24 0.35 -14.31
C GLY C 155 -7.19 -0.40 -13.54
N ILE C 156 -6.39 -1.12 -14.31
CA ILE C 156 -5.28 -1.90 -13.76
C ILE C 156 -3.93 -1.54 -14.41
N ILE C 157 -2.90 -1.33 -13.59
CA ILE C 157 -1.53 -1.21 -14.07
C ILE C 157 -0.84 -2.53 -13.75
N TYR C 158 -0.16 -3.15 -14.73
CA TYR C 158 0.22 -4.56 -14.61
C TYR C 158 1.64 -4.82 -15.17
N ARG C 159 2.60 -5.11 -14.26
CA ARG C 159 3.90 -5.57 -14.58
C ARG C 159 4.06 -7.02 -14.16
N ASP C 160 4.53 -7.86 -15.06
CA ASP C 160 4.72 -9.27 -14.81
C ASP C 160 5.97 -9.76 -15.58
N PRO C 161 6.84 -10.59 -14.99
CA PRO C 161 8.01 -11.10 -15.80
C PRO C 161 7.61 -12.09 -16.90
N SER C 162 6.34 -12.46 -16.98
CA SER C 162 5.86 -13.15 -18.15
C SER C 162 5.50 -12.23 -19.35
N LYS C 163 5.95 -12.61 -20.52
CA LYS C 163 5.51 -11.95 -21.71
C LYS C 163 4.06 -12.12 -21.91
N LYS C 164 3.49 -13.30 -21.65
CA LYS C 164 2.12 -13.63 -22.18
C LYS C 164 0.94 -13.29 -21.23
N ASN C 165 1.23 -13.12 -19.96
CA ASN C 165 0.12 -13.03 -18.96
C ASN C 165 -0.68 -11.80 -19.19
N VAL C 166 -0.06 -10.66 -19.58
CA VAL C 166 -0.83 -9.47 -19.79
C VAL C 166 -1.90 -9.67 -20.85
N ASP C 167 -1.68 -10.61 -21.78
CA ASP C 167 -2.67 -10.81 -22.87
C ASP C 167 -3.90 -11.55 -22.32
N ILE C 168 -3.66 -12.48 -21.43
CA ILE C 168 -4.73 -13.19 -20.75
C ILE C 168 -5.56 -12.19 -19.91
N ALA C 169 -4.85 -11.29 -19.25
CA ALA C 169 -5.45 -10.33 -18.44
C ALA C 169 -6.33 -9.39 -19.24
N VAL C 170 -5.87 -8.96 -20.39
CA VAL C 170 -6.67 -8.02 -21.20
C VAL C 170 -7.97 -8.61 -21.65
N SER C 171 -7.96 -9.90 -21.97
CA SER C 171 -9.17 -10.54 -22.50
C SER C 171 -10.14 -10.80 -21.33
N SER C 172 -9.68 -11.33 -20.19
CA SER C 172 -10.51 -11.50 -18.98
C SER C 172 -11.04 -10.23 -18.28
N SER C 173 -10.28 -9.15 -18.29
CA SER C 173 -10.60 -8.01 -17.48
C SER C 173 -11.81 -7.32 -18.05
N SER C 174 -12.66 -6.72 -17.21
CA SER C 174 -13.72 -5.86 -17.80
C SER C 174 -13.29 -4.40 -17.82
N LYS C 175 -12.02 -4.15 -17.48
CA LYS C 175 -11.53 -2.79 -17.35
C LYS C 175 -10.24 -2.70 -18.05
N PRO C 176 -9.84 -1.45 -18.32
CA PRO C 176 -8.60 -1.28 -19.09
C PRO C 176 -7.36 -1.64 -18.30
N ILE C 177 -6.43 -2.23 -19.04
CA ILE C 177 -5.11 -2.52 -18.58
C ILE C 177 -4.02 -1.64 -19.23
N ILE C 178 -3.16 -1.09 -18.42
CA ILE C 178 -1.89 -0.50 -18.90
C ILE C 178 -0.78 -1.45 -18.53
N ASN C 179 -0.15 -2.00 -19.55
CA ASN C 179 1.05 -2.84 -19.36
C ASN C 179 2.24 -2.03 -18.90
N ALA C 180 2.77 -2.38 -17.72
CA ALA C 180 3.94 -1.74 -17.17
C ALA C 180 5.24 -2.49 -17.42
N GLY C 181 5.21 -3.45 -18.37
CA GLY C 181 6.38 -4.22 -18.71
C GLY C 181 6.00 -5.70 -18.61
N ASN C 182 6.04 -6.43 -19.72
CA ASN C 182 5.71 -7.85 -19.71
C ASN C 182 6.95 -8.64 -20.10
N GLY C 183 7.70 -9.06 -19.10
CA GLY C 183 8.97 -9.74 -19.40
C GLY C 183 9.96 -8.93 -20.26
N THR C 184 10.55 -9.61 -21.23
CA THR C 184 11.30 -9.04 -22.29
C THR C 184 10.43 -8.62 -23.55
N GLY C 185 9.14 -8.37 -23.37
CA GLY C 185 8.23 -7.98 -24.47
C GLY C 185 8.34 -6.48 -24.71
N GLU C 186 7.41 -5.74 -24.13
CA GLU C 186 7.33 -4.32 -24.23
C GLU C 186 7.17 -3.53 -22.90
N HIS C 187 7.33 -2.23 -23.01
CA HIS C 187 7.19 -1.24 -21.97
C HIS C 187 6.64 0.03 -22.60
N PRO C 188 5.34 0.03 -22.89
CA PRO C 188 4.86 1.06 -23.77
C PRO C 188 4.95 2.43 -23.20
N THR C 189 4.67 2.57 -21.90
CA THR C 189 4.75 3.86 -21.28
C THR C 189 6.21 4.34 -21.11
N GLN C 190 7.16 3.41 -21.00
CA GLN C 190 8.52 3.80 -21.16
C GLN C 190 8.73 4.46 -22.52
N SER C 191 8.31 3.82 -23.57
CA SER C 191 8.57 4.41 -24.88
C SER C 191 7.93 5.80 -25.04
N LEU C 192 6.69 5.97 -24.52
CA LEU C 192 6.03 7.26 -24.45
C LEU C 192 6.82 8.33 -23.74
N LEU C 193 7.35 8.03 -22.54
CA LEU C 193 8.10 9.08 -21.86
C LEU C 193 9.47 9.27 -22.53
N ASP C 194 9.98 8.21 -23.14
CA ASP C 194 11.28 8.37 -23.81
C ASP C 194 11.14 9.37 -25.00
N PHE C 195 10.04 9.23 -25.75
CA PHE C 195 9.76 9.95 -26.97
C PHE C 195 9.52 11.40 -26.57
N TYR C 196 8.73 11.60 -25.53
CA TYR C 196 8.50 12.93 -25.02
C TYR C 196 9.83 13.61 -24.75
N THR C 197 10.76 12.92 -24.09
CA THR C 197 12.08 13.45 -23.75
C THR C 197 12.87 13.74 -24.99
N ILE C 198 12.91 12.78 -25.93
CA ILE C 198 13.52 13.06 -27.21
C ILE C 198 12.94 14.30 -27.96
N HIS C 199 11.63 14.39 -28.01
CA HIS C 199 10.92 15.45 -28.71
C HIS C 199 11.23 16.85 -28.17
N ASN C 200 11.31 16.92 -26.89
CA ASN C 200 11.84 18.02 -26.25
C ASN C 200 13.14 18.67 -26.76
N TYR C 201 14.12 17.85 -27.07
CA TYR C 201 15.38 18.27 -27.57
C TYR C 201 15.44 18.29 -29.08
N PHE C 202 14.62 17.47 -29.73
CA PHE C 202 14.66 17.31 -31.15
C PHE C 202 13.26 17.32 -31.72
N PRO C 203 12.59 18.50 -31.68
CA PRO C 203 11.15 18.48 -32.02
C PRO C 203 10.83 18.08 -33.45
N PHE C 204 11.82 18.07 -34.35
CA PHE C 204 11.52 17.66 -35.75
C PHE C 204 11.16 16.21 -35.91
N ILE C 205 11.40 15.40 -34.87
CA ILE C 205 11.13 13.94 -34.92
C ILE C 205 9.71 13.75 -35.29
N LEU C 206 8.80 14.61 -34.84
CA LEU C 206 7.41 14.49 -35.29
C LEU C 206 7.09 14.87 -36.76
N ASP C 207 7.95 15.65 -37.42
CA ASP C 207 7.54 16.29 -38.70
C ASP C 207 7.56 15.28 -39.86
N ARG C 208 8.27 14.20 -39.78
CA ARG C 208 8.31 13.26 -40.91
C ARG C 208 8.79 13.97 -42.19
N ASN C 209 9.87 14.69 -42.02
CA ASN C 209 10.43 15.52 -43.07
C ASN C 209 11.68 14.78 -43.44
N ILE C 210 11.70 14.36 -44.70
CA ILE C 210 12.76 13.65 -45.29
C ILE C 210 14.10 14.31 -45.24
N ASN C 211 14.22 15.60 -45.01
CA ASN C 211 15.54 16.23 -44.79
C ASN C 211 15.89 16.42 -43.36
N LYS C 212 15.19 15.78 -42.44
CA LYS C 212 15.46 16.02 -41.02
C LYS C 212 15.34 14.66 -40.32
N LYS C 213 16.43 13.90 -40.39
CA LYS C 213 16.50 12.52 -39.95
C LYS C 213 17.03 12.57 -38.52
N LEU C 214 16.41 11.85 -37.59
CA LEU C 214 17.05 11.66 -36.29
C LEU C 214 17.85 10.36 -36.29
N ASN C 215 19.00 10.39 -35.64
CA ASN C 215 19.84 9.25 -35.54
C ASN C 215 19.98 8.83 -34.11
N ILE C 216 19.68 7.53 -33.88
CA ILE C 216 19.78 7.05 -32.52
C ILE C 216 20.72 5.84 -32.42
N ALA C 217 21.44 5.80 -31.34
CA ALA C 217 22.19 4.64 -30.98
C ALA C 217 21.51 3.99 -29.78
N PHE C 218 21.10 2.73 -29.94
CA PHE C 218 20.66 1.89 -28.80
C PHE C 218 21.82 1.04 -28.40
N VAL C 219 22.23 1.17 -27.15
CA VAL C 219 23.42 0.45 -26.64
C VAL C 219 23.10 -0.58 -25.52
N GLY C 220 23.50 -1.84 -25.70
CA GLY C 220 23.63 -2.81 -24.60
C GLY C 220 22.82 -4.10 -24.72
N ASP C 221 21.71 -4.19 -24.00
CA ASP C 221 20.89 -5.34 -24.00
C ASP C 221 19.76 -5.11 -24.89
N LEU C 222 20.02 -5.36 -26.15
CA LEU C 222 18.98 -5.19 -27.16
C LEU C 222 18.03 -6.37 -27.19
N LYS C 223 18.54 -7.59 -26.89
CA LYS C 223 17.67 -8.74 -26.91
C LYS C 223 16.63 -8.67 -25.82
N ASN C 224 17.04 -8.31 -24.60
CA ASN C 224 16.17 -8.46 -23.46
C ASN C 224 15.47 -7.26 -23.06
N GLY C 225 15.92 -6.10 -23.59
CA GLY C 225 15.40 -4.77 -23.21
C GLY C 225 14.07 -4.45 -23.84
N ARG C 226 12.99 -4.70 -23.09
CA ARG C 226 11.63 -4.29 -23.45
C ARG C 226 11.51 -2.78 -23.71
N THR C 227 12.32 -1.95 -23.12
CA THR C 227 12.24 -0.52 -23.43
C THR C 227 12.78 -0.20 -24.85
N VAL C 228 13.88 -0.89 -25.19
CA VAL C 228 14.51 -0.83 -26.48
C VAL C 228 13.51 -1.27 -27.52
N HIS C 229 12.86 -2.41 -27.25
CA HIS C 229 11.85 -2.91 -28.09
C HIS C 229 10.70 -1.98 -28.40
N SER C 230 10.06 -1.45 -27.36
CA SER C 230 9.03 -0.48 -27.51
C SER C 230 9.55 0.81 -28.15
N LEU C 231 10.72 1.35 -27.73
CA LEU C 231 11.09 2.68 -28.26
C LEU C 231 11.49 2.58 -29.74
N SER C 232 12.17 1.50 -30.12
CA SER C 232 12.59 1.34 -31.51
C SER C 232 11.42 1.15 -32.48
N LYS C 233 10.42 0.37 -32.09
CA LYS C 233 9.23 0.30 -32.88
C LYS C 233 8.53 1.63 -32.98
N LEU C 234 8.41 2.32 -31.88
CA LEU C 234 7.84 3.70 -31.93
C LEU C 234 8.63 4.68 -32.86
N LEU C 235 9.95 4.74 -32.73
CA LEU C 235 10.72 5.72 -33.47
C LEU C 235 10.71 5.40 -34.96
N SER C 236 10.41 4.15 -35.32
CA SER C 236 10.58 3.68 -36.75
C SER C 236 9.37 4.17 -37.57
N ARG C 237 8.36 4.73 -36.89
CA ARG C 237 7.27 5.32 -37.55
C ARG C 237 7.58 6.76 -38.02
N TYR C 238 8.72 7.28 -37.58
CA TYR C 238 9.19 8.63 -37.88
C TYR C 238 10.49 8.51 -38.73
N ASN C 239 11.12 9.64 -39.02
CA ASN C 239 12.27 9.65 -39.90
C ASN C 239 13.52 9.43 -39.10
N VAL C 240 13.89 8.14 -38.89
CA VAL C 240 14.93 7.83 -37.91
C VAL C 240 15.84 6.78 -38.51
N SER C 241 17.15 6.89 -38.26
CA SER C 241 18.09 5.79 -38.50
C SER C 241 18.65 5.34 -37.16
N PHE C 242 18.96 4.05 -37.13
CA PHE C 242 19.21 3.30 -35.94
C PHE C 242 20.60 2.75 -35.95
N ASN C 243 21.39 3.06 -34.90
CA ASN C 243 22.61 2.28 -34.62
C ASN C 243 22.37 1.34 -33.44
N PHE C 244 22.52 0.05 -33.67
CA PHE C 244 22.37 -0.97 -32.67
C PHE C 244 23.71 -1.41 -32.26
N VAL C 245 24.10 -1.02 -31.06
CA VAL C 245 25.43 -1.34 -30.48
C VAL C 245 25.29 -2.46 -29.41
N SER C 246 25.65 -3.70 -29.77
CA SER C 246 25.58 -4.85 -28.85
C SER C 246 26.68 -5.90 -29.13
N CSO C 247 27.01 -6.68 -28.10
CA CSO C 247 27.75 -7.94 -28.25
CB CSO C 247 28.35 -8.33 -26.90
SG CSO C 247 29.48 -7.15 -26.24
C CSO C 247 26.78 -8.97 -28.76
O CSO C 247 25.57 -8.90 -28.58
OD CSO C 247 30.72 -7.28 -27.52
N LYS C 248 27.35 -9.95 -29.44
CA LYS C 248 26.58 -10.97 -30.14
C LYS C 248 25.29 -11.50 -29.45
N SER C 249 25.38 -12.01 -28.23
CA SER C 249 24.18 -12.73 -27.67
C SER C 249 23.03 -11.78 -27.31
N LEU C 250 23.28 -10.47 -27.27
CA LEU C 250 22.26 -9.51 -26.94
C LEU C 250 21.86 -8.65 -28.12
N ASN C 251 22.20 -9.06 -29.32
CA ASN C 251 21.75 -8.39 -30.60
C ASN C 251 20.29 -8.19 -30.63
N ILE C 252 19.84 -7.17 -31.34
CA ILE C 252 18.43 -6.87 -31.46
C ILE C 252 17.72 -8.06 -32.17
N PRO C 253 16.52 -8.46 -31.72
CA PRO C 253 15.84 -9.58 -32.31
C PRO C 253 15.52 -9.27 -33.74
N LYS C 254 15.49 -10.31 -34.58
CA LYS C 254 15.20 -10.12 -36.03
C LYS C 254 13.81 -9.64 -36.22
N ASP C 255 12.83 -10.14 -35.44
CA ASP C 255 11.44 -9.67 -35.58
C ASP C 255 11.32 -8.14 -35.42
N ILE C 256 12.15 -7.53 -34.59
CA ILE C 256 12.13 -6.11 -34.33
C ILE C 256 12.77 -5.41 -35.53
N VAL C 257 13.90 -5.88 -36.06
CA VAL C 257 14.41 -5.19 -37.22
C VAL C 257 13.40 -5.31 -38.37
N ASN C 258 12.68 -6.43 -38.49
CA ASN C 258 11.66 -6.48 -39.51
C ASN C 258 10.59 -5.53 -39.26
N THR C 259 10.23 -5.32 -38.00
CA THR C 259 9.21 -4.28 -37.77
C THR C 259 9.75 -2.87 -38.07
N ILE C 260 10.93 -2.54 -37.59
CA ILE C 260 11.56 -1.27 -37.94
C ILE C 260 11.63 -1.08 -39.45
N THR C 261 12.07 -2.11 -40.15
CA THR C 261 12.30 -2.00 -41.58
C THR C 261 11.00 -1.71 -42.29
N TYR C 262 10.00 -2.56 -42.00
CA TYR C 262 8.65 -2.30 -42.53
C TYR C 262 8.12 -0.85 -42.28
N ASN C 263 8.23 -0.37 -41.05
CA ASN C 263 7.72 0.92 -40.73
C ASN C 263 8.43 2.05 -41.45
N LEU C 264 9.75 2.01 -41.56
CA LEU C 264 10.48 3.04 -42.24
C LEU C 264 10.13 3.02 -43.73
N LYS C 265 9.94 1.83 -44.32
CA LYS C 265 9.50 1.70 -45.73
C LYS C 265 8.16 2.33 -46.00
N LYS C 266 7.22 2.10 -45.14
CA LYS C 266 5.94 2.75 -45.18
C LYS C 266 6.00 4.30 -45.46
N ASN C 267 6.95 5.04 -44.91
CA ASN C 267 7.00 6.52 -45.06
C ASN C 267 8.19 6.98 -45.92
N ASN C 268 8.84 5.98 -46.55
CA ASN C 268 9.92 6.21 -47.48
C ASN C 268 11.06 6.77 -46.78
N PHE C 269 11.30 6.38 -45.53
CA PHE C 269 12.59 6.69 -44.87
C PHE C 269 13.64 5.52 -44.77
N TYR C 270 13.42 4.43 -45.54
CA TYR C 270 14.23 3.27 -45.44
C TYR C 270 15.37 3.43 -46.44
N SER C 271 16.60 3.15 -46.03
CA SER C 271 17.70 2.95 -46.98
C SER C 271 18.66 1.96 -46.38
N ASP C 272 19.73 1.64 -47.10
CA ASP C 272 20.77 0.75 -46.65
C ASP C 272 21.49 1.26 -45.42
N ASP C 273 21.47 2.59 -45.26
CA ASP C 273 21.98 3.29 -44.08
C ASP C 273 20.99 3.38 -42.86
N SER C 274 19.73 2.99 -42.99
CA SER C 274 18.75 3.13 -41.90
C SER C 274 19.14 2.32 -40.58
N ILE C 275 19.73 1.14 -40.75
CA ILE C 275 20.02 0.26 -39.66
C ILE C 275 21.47 -0.21 -39.76
N LYS C 276 22.25 0.03 -38.75
CA LYS C 276 23.62 -0.37 -38.69
C LYS C 276 23.92 -1.01 -37.35
N TYR C 277 24.87 -1.93 -37.38
CA TYR C 277 25.19 -2.81 -36.27
C TYR C 277 26.64 -2.56 -35.92
N PHE C 278 26.97 -2.44 -34.65
CA PHE C 278 28.30 -2.17 -34.24
C PHE C 278 28.52 -2.97 -32.96
N ASP C 279 29.75 -3.30 -32.66
CA ASP C 279 30.07 -3.95 -31.42
C ASP C 279 31.03 -3.18 -30.64
N ASN C 280 31.16 -1.91 -30.96
CA ASN C 280 31.89 -1.00 -30.09
C ASN C 280 31.28 0.43 -30.17
N LEU C 281 31.52 1.16 -29.09
CA LEU C 281 31.02 2.48 -28.79
C LEU C 281 31.49 3.55 -29.71
N GLU C 282 32.80 3.72 -29.79
CA GLU C 282 33.49 4.66 -30.67
C GLU C 282 32.76 4.79 -32.01
N GLU C 283 32.68 3.70 -32.78
CA GLU C 283 31.87 3.67 -34.02
C GLU C 283 30.34 3.85 -33.83
N GLY C 284 29.71 3.21 -32.84
CA GLY C 284 28.22 3.26 -32.72
C GLY C 284 27.71 4.64 -32.36
N LEU C 285 28.52 5.39 -31.64
CA LEU C 285 28.24 6.75 -31.26
C LEU C 285 28.44 7.91 -32.26
N GLU C 286 28.90 7.60 -33.47
CA GLU C 286 29.24 8.68 -34.40
C GLU C 286 27.99 9.26 -34.99
N ASP C 287 27.87 10.58 -34.90
CA ASP C 287 26.80 11.30 -35.57
C ASP C 287 25.42 10.83 -35.14
N VAL C 288 25.24 10.62 -33.83
CA VAL C 288 23.86 10.27 -33.33
C VAL C 288 23.41 11.39 -32.48
N HIS C 289 22.15 11.68 -32.58
CA HIS C 289 21.55 12.73 -31.75
C HIS C 289 21.22 12.24 -30.41
N ILE C 290 20.88 10.96 -30.31
CA ILE C 290 20.48 10.30 -29.04
C ILE C 290 21.32 9.06 -28.81
N ILE C 291 21.90 8.98 -27.63
CA ILE C 291 22.52 7.74 -27.12
C ILE C 291 21.52 7.12 -26.08
N TYR C 292 21.12 5.91 -26.34
CA TYR C 292 20.16 5.25 -25.47
C TYR C 292 20.86 4.13 -24.80
N MET C 293 21.27 4.34 -23.52
CA MET C 293 21.99 3.30 -22.83
C MET C 293 21.00 2.40 -22.11
N THR C 294 21.47 1.20 -21.86
CA THR C 294 20.66 0.15 -21.30
C THR C 294 21.51 -0.66 -20.25
N ARG C 295 20.82 -1.37 -19.37
CA ARG C 295 21.44 -2.32 -18.41
C ARG C 295 21.63 -3.75 -18.98
N ILE C 296 22.78 -4.33 -18.72
CA ILE C 296 23.00 -5.63 -19.17
C ILE C 296 22.30 -6.52 -18.13
N GLN C 297 21.25 -7.20 -18.51
CA GLN C 297 20.42 -7.88 -17.54
C GLN C 297 21.04 -9.21 -17.03
N LYS C 298 21.76 -9.05 -15.93
CA LYS C 298 22.46 -10.13 -15.27
C LYS C 298 21.52 -11.35 -15.13
N GLU C 299 20.30 -11.08 -14.69
CA GLU C 299 19.28 -12.10 -14.35
C GLU C 299 18.97 -12.99 -15.50
N ARG C 300 19.43 -12.63 -16.67
CA ARG C 300 19.03 -13.35 -17.84
C ARG C 300 20.20 -14.23 -18.33
N PHE C 301 21.36 -14.12 -17.74
CA PHE C 301 22.62 -14.77 -18.24
C PHE C 301 22.75 -16.05 -17.49
N THR C 302 23.32 -17.04 -18.13
CA THR C 302 23.63 -18.30 -17.49
C THR C 302 25.17 -18.44 -17.39
N ASP C 303 25.95 -18.06 -18.39
CA ASP C 303 27.36 -18.24 -18.35
C ASP C 303 27.95 -17.04 -17.58
N VAL C 304 28.60 -17.33 -16.45
CA VAL C 304 29.16 -16.30 -15.60
C VAL C 304 30.21 -15.44 -16.34
N ASP C 305 31.14 -16.09 -17.02
CA ASP C 305 32.20 -15.44 -17.75
C ASP C 305 31.60 -14.65 -18.86
N GLU C 306 30.59 -15.19 -19.53
CA GLU C 306 29.95 -14.39 -20.56
C GLU C 306 29.32 -13.13 -19.93
N TYR C 307 28.74 -13.23 -18.75
CA TYR C 307 28.21 -12.04 -18.14
C TYR C 307 29.29 -11.04 -17.84
N ASN C 308 30.43 -11.45 -17.32
CA ASN C 308 31.48 -10.48 -16.89
C ASN C 308 32.08 -9.75 -18.08
N GLN C 309 32.15 -10.44 -19.18
CA GLN C 309 32.69 -9.90 -20.36
C GLN C 309 31.69 -8.85 -20.90
N TYR C 310 30.43 -9.25 -21.14
CA TYR C 310 29.34 -8.35 -21.66
C TYR C 310 29.14 -7.09 -20.77
N LYS C 311 29.24 -7.27 -19.46
CA LYS C 311 29.00 -6.25 -18.46
C LYS C 311 29.90 -5.12 -18.67
N ASN C 312 31.13 -5.45 -18.98
CA ASN C 312 32.16 -4.41 -19.18
C ASN C 312 32.43 -3.93 -20.62
N ALA C 313 31.68 -4.38 -21.64
CA ALA C 313 31.88 -3.99 -23.02
C ALA C 313 31.66 -2.51 -23.35
N PHE C 314 30.56 -1.91 -22.89
CA PHE C 314 30.12 -0.59 -23.30
C PHE C 314 29.91 0.24 -22.06
N ILE C 315 30.87 1.09 -21.76
CA ILE C 315 30.83 1.94 -20.62
C ILE C 315 31.00 3.38 -21.07
N LEU C 316 29.97 4.19 -20.86
CA LEU C 316 29.95 5.54 -21.37
C LEU C 316 30.62 6.44 -20.40
N SER C 317 31.54 7.24 -20.87
CA SER C 317 32.43 8.07 -20.02
C SER C 317 32.59 9.34 -20.79
N ASN C 318 33.02 10.41 -20.15
CA ASN C 318 33.24 11.68 -20.82
C ASN C 318 34.23 11.54 -21.94
N LYS C 319 35.21 10.69 -21.73
CA LYS C 319 36.17 10.34 -22.79
C LYS C 319 35.46 9.76 -24.03
N THR C 320 34.65 8.73 -23.84
CA THR C 320 33.83 8.22 -24.93
C THR C 320 32.91 9.25 -25.61
N LEU C 321 32.50 10.29 -24.90
CA LEU C 321 31.63 11.28 -25.45
C LEU C 321 32.29 12.40 -26.22
N GLU C 322 33.61 12.50 -26.14
CA GLU C 322 34.35 13.64 -26.76
C GLU C 322 34.03 13.87 -28.22
N ASN C 323 33.89 12.73 -28.95
CA ASN C 323 33.49 12.67 -30.38
C ASN C 323 32.03 12.52 -30.73
N THR C 324 31.13 12.84 -29.82
CA THR C 324 29.72 12.80 -30.21
C THR C 324 29.45 14.11 -30.82
N ARG C 325 28.32 14.21 -31.46
CA ARG C 325 27.86 15.52 -31.75
C ARG C 325 27.68 16.32 -30.49
N ASP C 326 27.66 17.64 -30.68
CA ASP C 326 27.52 18.61 -29.62
C ASP C 326 26.10 18.61 -29.06
N ASP C 327 25.14 18.38 -29.94
CA ASP C 327 23.78 18.35 -29.54
C ASP C 327 23.36 16.90 -29.04
N THR C 328 24.29 15.92 -29.00
CA THR C 328 23.92 14.59 -28.56
C THR C 328 23.28 14.62 -27.14
N LYS C 329 22.17 13.89 -26.98
CA LYS C 329 21.56 13.65 -25.63
C LYS C 329 21.53 12.16 -25.24
N ILE C 330 21.87 11.91 -23.96
CA ILE C 330 22.02 10.61 -23.36
C ILE C 330 20.81 10.21 -22.48
N LEU C 331 20.11 9.16 -22.96
CA LEU C 331 19.03 8.53 -22.25
C LEU C 331 19.41 7.20 -21.73
N HIS C 332 18.63 6.76 -20.77
CA HIS C 332 18.78 5.52 -20.06
C HIS C 332 17.45 5.35 -19.28
N PRO C 333 16.76 4.23 -19.52
CA PRO C 333 15.44 4.04 -18.85
C PRO C 333 15.57 3.83 -17.34
N LEU C 334 16.70 3.25 -16.95
CA LEU C 334 17.14 3.02 -15.54
C LEU C 334 16.42 1.81 -14.97
N PRO C 335 17.00 1.23 -13.90
CA PRO C 335 18.26 1.65 -13.30
C PRO C 335 19.54 1.23 -14.03
N ARG C 336 20.57 2.01 -13.78
CA ARG C 336 21.91 1.68 -14.29
C ARG C 336 22.75 0.91 -13.20
N VAL C 337 23.70 0.10 -13.66
CA VAL C 337 24.72 -0.45 -12.77
C VAL C 337 26.00 0.38 -13.15
N ASN C 338 26.95 -0.20 -13.90
CA ASN C 338 28.23 0.44 -14.25
C ASN C 338 28.28 1.08 -15.68
N GLU C 339 27.28 0.82 -16.53
CA GLU C 339 27.28 1.29 -17.90
C GLU C 339 27.34 2.81 -18.15
N ILE C 340 27.11 3.66 -17.18
CA ILE C 340 27.38 5.09 -17.37
C ILE C 340 28.08 5.50 -16.11
N LYS C 341 29.31 5.99 -16.24
CA LYS C 341 30.08 6.51 -15.12
C LYS C 341 29.42 7.74 -14.57
N VAL C 342 29.51 7.90 -13.26
CA VAL C 342 28.86 9.01 -12.56
C VAL C 342 29.30 10.40 -13.08
N GLU C 343 30.53 10.53 -13.55
CA GLU C 343 31.05 11.78 -14.11
C GLU C 343 30.13 12.30 -15.24
N VAL C 344 29.47 11.39 -15.97
CA VAL C 344 28.60 11.76 -17.10
C VAL C 344 27.33 12.50 -16.63
N ASP C 345 26.97 12.36 -15.35
CA ASP C 345 25.79 13.06 -14.78
C ASP C 345 25.95 14.57 -14.83
N SER C 346 27.21 15.05 -14.70
CA SER C 346 27.59 16.49 -14.79
C SER C 346 27.76 17.01 -16.18
N ASN C 347 27.91 16.10 -17.14
CA ASN C 347 28.03 16.47 -18.57
C ASN C 347 26.63 16.95 -18.97
N PRO C 348 26.53 18.12 -19.63
CA PRO C 348 25.18 18.62 -20.04
C PRO C 348 24.46 17.80 -21.10
N LYS C 349 25.19 16.85 -21.70
CA LYS C 349 24.63 15.85 -22.60
C LYS C 349 23.72 14.80 -21.95
N SER C 350 23.95 14.50 -20.67
CA SER C 350 23.15 13.50 -19.95
C SER C 350 21.80 14.08 -19.50
N VAL C 351 20.71 13.41 -19.87
CA VAL C 351 19.32 13.81 -19.50
C VAL C 351 18.47 12.70 -18.88
N TYR C 352 19.09 11.62 -18.43
CA TYR C 352 18.30 10.48 -17.97
C TYR C 352 17.52 10.74 -16.71
N PHE C 353 17.99 11.67 -15.89
CA PHE C 353 17.28 12.04 -14.65
C PHE C 353 16.09 12.89 -14.98
N THR C 354 16.24 13.79 -15.94
CA THR C 354 15.08 14.50 -16.51
C THR C 354 14.10 13.53 -17.19
N GLN C 355 14.63 12.60 -17.95
CA GLN C 355 13.82 11.57 -18.59
C GLN C 355 12.93 10.85 -17.55
N ALA C 356 13.56 10.44 -16.46
CA ALA C 356 12.82 9.79 -15.37
C ALA C 356 11.76 10.72 -14.83
N GLU C 357 12.13 11.98 -14.59
CA GLU C 357 11.15 12.99 -14.10
C GLU C 357 9.89 13.07 -14.99
N ASN C 358 10.10 13.00 -16.31
CA ASN C 358 9.03 13.16 -17.25
C ASN C 358 8.00 12.05 -17.18
N GLY C 359 8.39 10.88 -16.68
CA GLY C 359 7.47 9.80 -16.49
C GLY C 359 6.26 10.17 -15.67
N LEU C 360 6.46 11.06 -14.70
CA LEU C 360 5.36 11.54 -13.93
C LEU C 360 4.34 12.21 -14.84
N TYR C 361 4.83 13.20 -15.59
CA TYR C 361 3.96 13.98 -16.43
C TYR C 361 3.31 13.12 -17.50
N VAL C 362 4.03 12.16 -18.08
CA VAL C 362 3.51 11.37 -19.24
C VAL C 362 2.50 10.38 -18.76
N ARG C 363 2.72 9.86 -17.55
CA ARG C 363 1.79 8.87 -17.03
C ARG C 363 0.52 9.57 -16.54
N MET C 364 0.63 10.80 -16.03
CA MET C 364 -0.55 11.61 -15.67
C MET C 364 -1.41 11.82 -16.94
N ALA C 365 -0.76 12.20 -18.03
CA ALA C 365 -1.46 12.44 -19.27
C ALA C 365 -2.14 11.19 -19.77
N LEU C 366 -1.44 10.08 -19.78
CA LEU C 366 -2.02 8.87 -20.35
C LEU C 366 -3.28 8.47 -19.58
N LEU C 367 -3.21 8.55 -18.26
CA LEU C 367 -4.32 8.18 -17.39
C LEU C 367 -5.52 9.12 -17.56
N TYR C 368 -5.22 10.40 -17.62
CA TYR C 368 -6.23 11.42 -17.82
C TYR C 368 -6.98 11.15 -19.11
N LEU C 369 -6.26 10.89 -20.18
CA LEU C 369 -6.90 10.67 -21.47
C LEU C 369 -7.76 9.44 -21.51
N ILE C 370 -7.31 8.37 -20.85
CA ILE C 370 -7.99 7.09 -20.98
C ILE C 370 -9.23 6.99 -20.08
N PHE C 371 -9.12 7.56 -18.86
CA PHE C 371 -10.01 7.25 -17.75
C PHE C 371 -10.97 8.34 -17.42
N SER C 372 -10.68 9.58 -17.85
CA SER C 372 -11.64 10.68 -17.73
C SER C 372 -13.05 10.35 -18.13
N SER C 373 -14.00 10.98 -17.44
CA SER C 373 -15.44 10.84 -17.72
C SER C 373 -15.90 11.58 -18.98
N THR C 374 -17.00 11.09 -19.56
CA THR C 374 -17.61 11.67 -20.79
C THR C 374 -18.56 12.87 -20.52
C1 GOL D . 16.58 19.54 2.19
O1 GOL D . 15.84 19.76 3.41
C2 GOL D . 16.23 20.44 0.98
O2 GOL D . 14.88 20.19 0.53
C3 GOL D . 17.24 20.33 -0.21
O3 GOL D . 18.06 19.13 -0.30
P PO4 E . 9.70 0.22 15.68
O1 PO4 E . 10.77 1.29 15.85
O2 PO4 E . 8.89 0.09 16.94
O3 PO4 E . 10.42 -1.08 15.37
O4 PO4 E . 8.71 0.57 14.59
C1 GOL F . 4.49 -10.16 15.34
O1 GOL F . 5.66 -9.81 16.13
C2 GOL F . 3.98 -8.89 14.69
O2 GOL F . 5.16 -8.19 14.34
C3 GOL F . 3.08 -9.09 13.44
O3 GOL F . 1.79 -8.39 13.50
P PO4 G . -8.91 -14.70 -0.39
O1 PO4 G . -8.80 -14.09 0.99
O2 PO4 G . -9.00 -16.23 -0.32
O3 PO4 G . -7.74 -14.22 -1.22
O4 PO4 G . -10.18 -14.12 -0.96
CAC FLC H . 11.97 -0.24 -16.51
CA FLC H . 12.35 -1.70 -16.40
CB FLC H . 13.64 -2.11 -17.10
CBC FLC H . 14.44 -3.12 -16.20
CG FLC H . 13.29 -2.77 -18.40
CGC FLC H . 14.62 -2.89 -19.17
OA1 FLC H . 12.77 0.72 -16.86
OA2 FLC H . 10.75 -0.01 -16.19
OB1 FLC H . 15.33 -2.74 -15.36
OB2 FLC H . 14.15 -4.34 -16.25
OG1 FLC H . 15.52 -3.41 -18.43
OG2 FLC H . 14.78 -2.45 -20.40
OHB FLC H . 14.52 -0.99 -17.48
C1 GOL I . 22.91 -14.51 -22.50
O1 GOL I . 23.81 -15.07 -23.46
C2 GOL I . 21.69 -14.02 -23.25
O2 GOL I . 21.15 -15.22 -23.81
C3 GOL I . 20.68 -13.34 -22.33
O3 GOL I . 19.32 -13.43 -22.79
C1 GOL J . 5.63 -16.59 -21.84
O1 GOL J . 4.79 -15.76 -21.03
C2 GOL J . 6.93 -16.82 -21.07
O2 GOL J . 7.39 -18.16 -21.28
C3 GOL J . 8.02 -15.79 -21.46
O3 GOL J . 8.69 -15.20 -20.32
P PO4 K . 11.98 0.52 -12.87
O1 PO4 K . 12.46 0.90 -11.48
O2 PO4 K . 12.38 -0.91 -13.14
O3 PO4 K . 12.60 1.47 -13.86
O4 PO4 K . 10.49 0.53 -13.00
#